data_6EA2
#
_entry.id   6EA2
#
_cell.length_a   75.140
_cell.length_b   108.930
_cell.length_c   118.160
_cell.angle_alpha   90.000
_cell.angle_beta   90.000
_cell.angle_gamma   90.000
#
_symmetry.space_group_name_H-M   'P 21 21 21'
#
loop_
_entity.id
_entity.type
_entity.pdbx_description
1 polymer 'M1 family aminopeptidase'
2 non-polymer 'ZINC ION'
3 non-polymer "N-[(1R)-2-(hydroxyamino)-2-oxo-1-(3',4',5'-trifluoro[1,1'-biphenyl]-4-yl)ethyl]cyclopentanecarboxamide"
4 non-polymer 'DIMETHYL SULFOXIDE'
5 non-polymer GLYCEROL
6 non-polymer 'MAGNESIUM ION'
7 water water
#
_entity_poly.entity_id   1
_entity_poly.type   'polypeptide(L)'
_entity_poly.pdbx_seq_one_letter_code
;PKIHYRKDYKPSGFIINQVTLNINIHDQETIVRSVLDMDISKHNVGEDLVFDGVGLKINEISINNKKLVEGEEYTYDNEF
LTIFSKFVPKSKFAFSSEVIIHPETNYALTGLYKSKNIIVSQCEATGFRRITFFIDRPDMMAKYDVTVTADKEKYPVLLS
NGDKVNEFEIPGGRHGARFNDPPLKPCYLFAVVAGDLKHLSATYITKYTKKKVELYVFSEEKYVSKLQWALECLKKSMAF
DEDYFGLEYDLSRLNLVAVSDFNVGAMENKGLNIFNANSLLASKKNSIDFSYARILTVVGHEYFHQYTGNRVTLRDWFQL
TLKEGLTVHRENLFSEEMTKTVTTRLSHVDLLRSVQFLEDSSPLSHPIRPESYVSMENFYTTTVYDKGSEVMRMYLTILG
EEYYKKGFDIYIKKNDGNTATCEDFNYAMEQAYKMKKADNSANLNQYLLWFSQSGTPHVSFKYNYDAEKKQYSIHVNQYT
KPDENQKEKKPLFIPISVGLINPENGKEMISQTTLELTKESDTFVFNNIAVKPIPSLFRGFSAPVYIEDQLTDEERILLL
KYDSDAFVRYNSCTNIYMKQILMNYNEFLKAKNEKLESFQLTPVNAQFIDAIKYLLEDPHADAGFKSYIVSLPQDRYIIN
FVSNLDTDVLADTKEYIYKQIGDKLNDVYYKMFKSLEAKADDLTYFNDESHVDFDQMNMRTLRNTLLSLLSKAQYPNILN
EIIEHSKSPYPSNWLTSLSVSAYFDKYFELYDKTYKLSKDDELLLQEWLKTVSRSDRKDIYEILKKLENEVLKDSKNPND
IRAVYLPFTNNLRRFHDISGKGYKLIAEVITKTDKFNPMVATQLCEPFKLWNKLDTKRQELMLNEMNTMLQEPQISNNLK
EYLLRLTNK
;
_entity_poly.pdbx_strand_id   A
#
loop_
_chem_comp.id
_chem_comp.type
_chem_comp.name
_chem_comp.formula
DMS non-polymer 'DIMETHYL SULFOXIDE' 'C2 H6 O S'
GOL non-polymer GLYCEROL 'C3 H8 O3'
J1G non-polymer N-[(1R)-2-(hydroxyamino)-2-oxo-1-(3',4',5'-trifluoro[1,1'-biphenyl]-4-yl)ethyl]cyclopentanecarboxamide 'C20 H19 F3 N2 O3'
MG non-polymer 'MAGNESIUM ION' 'Mg 2'
ZN non-polymer 'ZINC ION' 'Zn 2'
#
# COMPACT_ATOMS: atom_id res chain seq x y z
N PRO A 1 -1.99 28.85 5.07
CA PRO A 1 -1.90 27.42 5.35
C PRO A 1 -0.98 27.12 6.53
N LYS A 2 -1.52 26.51 7.58
CA LYS A 2 -0.73 26.21 8.77
C LYS A 2 0.20 25.05 8.49
N ILE A 3 1.49 25.23 8.77
CA ILE A 3 2.49 24.19 8.64
C ILE A 3 2.84 23.69 10.04
N HIS A 4 2.73 22.38 10.25
CA HIS A 4 3.14 21.78 11.51
C HIS A 4 4.55 21.22 11.34
N TYR A 5 5.39 21.45 12.35
CA TYR A 5 6.80 21.08 12.29
C TYR A 5 7.10 20.03 13.35
N ARG A 6 7.82 18.98 12.96
CA ARG A 6 8.10 17.88 13.87
C ARG A 6 8.82 18.36 15.13
N LYS A 7 9.75 19.31 14.99
CA LYS A 7 10.53 19.78 16.13
C LYS A 7 9.71 20.59 17.11
N ASP A 8 8.49 20.99 16.75
CA ASP A 8 7.67 21.84 17.61
C ASP A 8 6.79 21.07 18.59
N TYR A 9 6.92 19.73 18.65
CA TYR A 9 6.04 18.93 19.51
C TYR A 9 6.12 19.42 20.95
N LYS A 10 4.95 19.61 21.57
CA LYS A 10 4.86 19.97 22.97
C LYS A 10 3.59 19.34 23.52
N PRO A 11 3.63 18.74 24.70
CA PRO A 11 2.40 18.20 25.30
C PRO A 11 1.38 19.31 25.56
N SER A 12 0.11 18.92 25.57
CA SER A 12 -0.98 19.87 25.74
C SER A 12 -1.04 20.39 27.18
N GLY A 13 -1.56 21.60 27.33
CA GLY A 13 -1.89 22.14 28.65
C GLY A 13 -3.13 21.54 29.28
N PHE A 14 -3.78 20.60 28.61
CA PHE A 14 -5.02 20.01 29.10
C PHE A 14 -4.92 18.50 29.04
N ILE A 15 -5.83 17.87 29.76
CA ILE A 15 -5.99 16.42 29.80
C ILE A 15 -7.47 16.14 29.61
N ILE A 16 -7.78 15.13 28.80
CA ILE A 16 -9.13 14.60 28.67
C ILE A 16 -9.10 13.18 29.23
N ASN A 17 -9.79 12.97 30.35
CA ASN A 17 -9.77 11.66 31.00
C ASN A 17 -10.91 10.76 30.56
N GLN A 18 -12.09 11.32 30.35
CA GLN A 18 -13.25 10.51 30.02
C GLN A 18 -14.07 11.21 28.94
N VAL A 19 -14.51 10.43 27.96
CA VAL A 19 -15.43 10.88 26.93
C VAL A 19 -16.72 10.12 27.12
N THR A 20 -17.83 10.82 27.24
CA THR A 20 -19.15 10.19 27.28
C THR A 20 -19.98 10.77 26.13
N LEU A 21 -20.29 9.92 25.15
CA LEU A 21 -20.96 10.36 23.93
C LEU A 21 -22.37 9.79 23.86
N ASN A 22 -23.29 10.60 23.31
CA ASN A 22 -24.59 10.13 22.86
C ASN A 22 -24.72 10.57 21.41
N ILE A 23 -24.81 9.60 20.50
CA ILE A 23 -24.89 9.83 19.07
C ILE A 23 -26.29 9.40 18.64
N ASN A 24 -27.12 10.36 18.29
CA ASN A 24 -28.52 10.10 17.97
C ASN A 24 -28.74 10.33 16.48
N ILE A 25 -28.86 9.24 15.73
CA ILE A 25 -28.97 9.30 14.28
C ILE A 25 -30.43 9.50 13.90
N HIS A 26 -30.71 10.57 13.15
CA HIS A 26 -32.05 10.84 12.66
C HIS A 26 -32.02 10.91 11.14
N ASP A 27 -33.21 11.05 10.56
CA ASP A 27 -33.33 10.92 9.10
C ASP A 27 -32.53 12.00 8.38
N GLN A 28 -32.60 13.24 8.85
CA GLN A 28 -32.00 14.37 8.16
C GLN A 28 -30.80 14.96 8.87
N GLU A 29 -30.44 14.44 10.05
CA GLU A 29 -29.34 14.98 10.82
C GLU A 29 -28.99 13.98 11.91
N THR A 30 -27.78 14.13 12.45
CA THR A 30 -27.34 13.35 13.60
C THR A 30 -26.92 14.31 14.69
N ILE A 31 -27.46 14.11 15.89
CA ILE A 31 -27.18 14.97 17.03
C ILE A 31 -26.15 14.26 17.90
N VAL A 32 -25.07 14.96 18.25
CA VAL A 32 -24.00 14.39 19.04
C VAL A 32 -23.87 15.19 20.32
N ARG A 33 -24.13 14.54 21.46
CA ARG A 33 -23.88 15.14 22.76
C ARG A 33 -22.65 14.49 23.35
N SER A 34 -21.79 15.30 23.96
CA SER A 34 -20.54 14.78 24.47
C SER A 34 -20.21 15.51 25.74
N VAL A 35 -19.85 14.75 26.78
CA VAL A 35 -19.30 15.31 28.01
C VAL A 35 -17.86 14.86 28.10
N LEU A 36 -16.95 15.82 28.25
CA LEU A 36 -15.54 15.53 28.41
C LEU A 36 -15.15 15.85 29.84
N ASP A 37 -14.66 14.85 30.57
CA ASP A 37 -14.13 15.08 31.91
C ASP A 37 -12.65 15.43 31.76
N MET A 38 -12.30 16.64 32.14
CA MET A 38 -11.03 17.22 31.78
C MET A 38 -10.25 17.67 33.00
N ASP A 39 -8.97 17.96 32.77
CA ASP A 39 -8.11 18.45 33.82
C ASP A 39 -7.07 19.37 33.19
N ILE A 40 -6.35 20.08 34.05
CA ILE A 40 -5.27 20.98 33.67
C ILE A 40 -3.96 20.21 33.81
N SER A 41 -3.13 20.23 32.77
CA SER A 41 -1.87 19.51 32.81
C SER A 41 -0.75 20.35 33.41
N LYS A 42 0.36 19.66 33.73
CA LYS A 42 1.51 20.36 34.30
C LYS A 42 2.12 21.36 33.31
N HIS A 43 1.82 21.23 32.03
CA HIS A 43 2.34 22.12 31.00
C HIS A 43 1.46 23.35 30.77
N ASN A 44 0.32 23.42 31.44
CA ASN A 44 -0.60 24.54 31.26
C ASN A 44 0.05 25.84 31.71
N VAL A 45 -0.18 26.91 30.95
CA VAL A 45 0.31 28.23 31.30
C VAL A 45 -0.82 29.25 31.25
N GLY A 46 -2.04 28.80 31.56
CA GLY A 46 -3.18 29.69 31.56
C GLY A 46 -3.70 30.07 30.19
N GLU A 47 -3.52 29.20 29.19
CA GLU A 47 -3.93 29.51 27.84
C GLU A 47 -5.44 29.31 27.67
N ASP A 48 -5.97 29.91 26.60
CA ASP A 48 -7.31 29.59 26.16
C ASP A 48 -7.45 28.09 25.94
N LEU A 49 -8.64 27.57 26.18
CA LEU A 49 -8.96 26.19 25.87
C LEU A 49 -9.45 26.15 24.42
N VAL A 50 -8.68 25.51 23.55
CA VAL A 50 -9.01 25.48 22.12
C VAL A 50 -9.26 24.05 21.71
N PHE A 51 -10.47 23.79 21.22
CA PHE A 51 -10.85 22.48 20.70
C PHE A 51 -10.85 22.51 19.18
N ASP A 52 -10.42 21.43 18.59
CA ASP A 52 -10.72 21.21 17.19
C ASP A 52 -12.19 20.87 17.03
N GLY A 53 -12.81 21.41 15.98
CA GLY A 53 -14.18 21.06 15.67
C GLY A 53 -14.50 21.59 14.29
N VAL A 54 -14.67 20.72 13.31
CA VAL A 54 -14.74 21.13 11.91
C VAL A 54 -16.15 20.87 11.39
N GLY A 55 -16.81 21.94 10.94
CA GLY A 55 -18.12 21.80 10.34
C GLY A 55 -19.22 21.40 11.30
N LEU A 56 -19.07 21.72 12.58
CA LEU A 56 -20.09 21.36 13.57
C LEU A 56 -21.07 22.52 13.70
N LYS A 57 -22.35 22.18 13.87
CA LYS A 57 -23.36 23.19 14.18
C LYS A 57 -23.64 23.12 15.68
N ILE A 58 -23.36 24.21 16.39
CA ILE A 58 -23.47 24.23 17.84
C ILE A 58 -24.94 24.41 18.25
N ASN A 59 -25.45 23.48 19.06
CA ASN A 59 -26.71 23.70 19.76
C ASN A 59 -26.46 24.32 21.13
N GLU A 60 -25.51 23.77 21.88
CA GLU A 60 -25.07 24.43 23.12
C GLU A 60 -23.71 23.89 23.54
N ILE A 61 -23.02 24.70 24.34
CA ILE A 61 -21.80 24.27 25.01
C ILE A 61 -21.85 24.77 26.45
N SER A 62 -21.25 23.99 27.35
CA SER A 62 -21.28 24.31 28.76
CA SER A 62 -21.28 24.31 28.76
C SER A 62 -20.00 23.82 29.42
N ILE A 63 -19.68 24.45 30.54
CA ILE A 63 -18.60 24.01 31.41
C ILE A 63 -19.20 23.86 32.81
N ASN A 64 -19.03 22.68 33.41
CA ASN A 64 -19.65 22.36 34.69
C ASN A 64 -21.14 22.68 34.69
N ASN A 65 -21.82 22.32 33.59
CA ASN A 65 -23.26 22.49 33.44
C ASN A 65 -23.71 23.94 33.46
N LYS A 66 -22.82 24.88 33.20
CA LYS A 66 -23.19 26.27 33.00
C LYS A 66 -23.04 26.58 31.52
N LYS A 67 -24.14 26.96 30.88
CA LYS A 67 -24.15 27.20 29.45
C LYS A 67 -23.28 28.41 29.12
N LEU A 68 -22.36 28.24 28.17
CA LEU A 68 -21.52 29.33 27.69
C LEU A 68 -22.24 30.09 26.58
N VAL A 69 -21.92 31.36 26.42
CA VAL A 69 -22.58 32.20 25.42
C VAL A 69 -21.56 32.66 24.39
N GLU A 70 -21.94 32.57 23.11
CA GLU A 70 -21.04 32.92 22.02
C GLU A 70 -20.63 34.39 22.09
N GLY A 71 -19.39 34.66 21.71
CA GLY A 71 -18.85 36.01 21.69
C GLY A 71 -18.28 36.46 23.01
N GLU A 72 -19.01 36.23 24.10
CA GLU A 72 -18.55 36.63 25.42
C GLU A 72 -17.56 35.64 25.99
N GLU A 73 -17.93 34.35 26.05
CA GLU A 73 -17.08 33.33 26.64
C GLU A 73 -16.40 32.43 25.62
N TYR A 74 -16.93 32.31 24.41
CA TYR A 74 -16.29 31.48 23.40
C TYR A 74 -16.52 32.04 22.00
N THR A 75 -15.64 31.66 21.09
CA THR A 75 -15.83 31.89 19.66
C THR A 75 -15.68 30.55 18.94
N TYR A 76 -16.37 30.43 17.80
CA TYR A 76 -16.25 29.26 16.95
C TYR A 76 -16.21 29.71 15.50
N ASP A 77 -15.19 29.25 14.75
CA ASP A 77 -14.97 29.69 13.38
C ASP A 77 -15.10 28.56 12.37
N ASN A 78 -15.80 27.48 12.73
CA ASN A 78 -15.99 26.27 11.91
C ASN A 78 -14.76 25.37 11.88
N GLU A 79 -13.70 25.70 12.62
CA GLU A 79 -12.47 24.90 12.67
C GLU A 79 -11.98 24.76 14.10
N PHE A 80 -12.05 25.85 14.87
CA PHE A 80 -11.57 25.88 16.25
C PHE A 80 -12.64 26.50 17.15
N LEU A 81 -12.90 25.85 18.27
CA LEU A 81 -13.72 26.41 19.34
C LEU A 81 -12.76 26.93 20.39
N THR A 82 -12.78 28.25 20.63
CA THR A 82 -11.91 28.88 21.60
C THR A 82 -12.73 29.30 22.81
N ILE A 83 -12.40 28.77 23.99
CA ILE A 83 -12.96 29.23 25.24
C ILE A 83 -11.92 30.08 25.94
N PHE A 84 -12.26 31.35 26.18
CA PHE A 84 -11.28 32.29 26.71
C PHE A 84 -10.85 31.87 28.10
N SER A 85 -9.55 32.02 28.36
CA SER A 85 -8.94 31.41 29.54
C SER A 85 -9.60 31.84 30.84
N LYS A 86 -10.12 33.07 30.92
CA LYS A 86 -10.78 33.51 32.13
C LYS A 86 -12.00 32.66 32.48
N PHE A 87 -12.54 31.91 31.52
CA PHE A 87 -13.70 31.05 31.77
C PHE A 87 -13.33 29.58 31.86
N VAL A 88 -12.04 29.25 31.80
CA VAL A 88 -11.57 27.87 31.90
C VAL A 88 -11.21 27.58 33.35
N PRO A 89 -11.73 26.51 33.95
CA PRO A 89 -11.43 26.21 35.35
C PRO A 89 -9.96 25.89 35.55
N LYS A 90 -9.53 26.00 36.81
CA LYS A 90 -8.14 25.72 37.17
C LYS A 90 -7.93 24.31 37.69
N SER A 91 -8.98 23.53 37.87
CA SER A 91 -8.87 22.15 38.31
C SER A 91 -9.82 21.33 37.45
N LYS A 92 -10.02 20.06 37.83
CA LYS A 92 -10.85 19.15 37.05
C LYS A 92 -12.21 19.77 36.77
N PHE A 93 -12.67 19.62 35.54
CA PHE A 93 -13.93 20.22 35.12
C PHE A 93 -14.55 19.34 34.04
N ALA A 94 -15.83 19.57 33.79
CA ALA A 94 -16.56 18.90 32.72
C ALA A 94 -16.87 19.91 31.62
N PHE A 95 -16.53 19.57 30.38
CA PHE A 95 -16.94 20.34 29.22
C PHE A 95 -18.01 19.54 28.51
N SER A 96 -19.12 20.17 28.14
CA SER A 96 -20.16 19.46 27.43
C SER A 96 -20.60 20.25 26.22
N SER A 97 -21.09 19.53 25.21
CA SER A 97 -21.58 20.17 24.01
C SER A 97 -22.64 19.30 23.38
N GLU A 98 -23.52 19.95 22.63
CA GLU A 98 -24.41 19.25 21.71
C GLU A 98 -24.25 19.90 20.34
N VAL A 99 -23.95 19.08 19.33
CA VAL A 99 -23.75 19.58 17.97
C VAL A 99 -24.60 18.75 17.01
N ILE A 100 -24.81 19.33 15.82
CA ILE A 100 -25.52 18.67 14.75
C ILE A 100 -24.55 18.47 13.58
N ILE A 101 -24.52 17.24 13.05
CA ILE A 101 -23.74 16.88 11.87
C ILE A 101 -24.67 16.17 10.89
N HIS A 102 -24.19 15.94 9.67
CA HIS A 102 -25.04 15.49 8.57
C HIS A 102 -24.38 14.39 7.76
N PRO A 103 -24.36 13.16 8.28
CA PRO A 103 -23.65 12.08 7.57
C PRO A 103 -24.17 11.79 6.17
N GLU A 104 -25.45 12.04 5.91
CA GLU A 104 -26.04 11.75 4.59
C GLU A 104 -25.31 12.49 3.47
N THR A 105 -24.88 13.72 3.71
CA THR A 105 -24.26 14.53 2.67
C THR A 105 -22.75 14.62 2.82
N ASN A 106 -22.16 13.77 3.66
CA ASN A 106 -20.73 13.79 3.91
C ASN A 106 -20.05 12.88 2.89
N TYR A 107 -19.81 13.42 1.70
CA TYR A 107 -19.26 12.63 0.61
C TYR A 107 -17.74 12.56 0.64
N ALA A 108 -17.09 13.26 1.58
CA ALA A 108 -15.65 13.18 1.71
C ALA A 108 -15.21 11.94 2.49
N LEU A 109 -16.15 11.26 3.13
CA LEU A 109 -15.93 9.96 3.78
C LEU A 109 -14.94 10.05 4.94
N THR A 110 -14.97 11.17 5.65
CA THR A 110 -14.17 11.40 6.85
C THR A 110 -15.11 11.93 7.92
N GLY A 111 -14.86 11.56 9.17
CA GLY A 111 -15.84 11.85 10.20
C GLY A 111 -16.95 10.82 10.18
N LEU A 112 -18.20 11.22 10.39
CA LEU A 112 -19.34 10.32 10.36
C LEU A 112 -20.03 10.48 9.01
N TYR A 113 -20.23 9.38 8.29
CA TYR A 113 -20.82 9.48 6.97
C TYR A 113 -21.71 8.28 6.68
N LYS A 114 -22.46 8.39 5.59
CA LYS A 114 -23.35 7.34 5.16
C LYS A 114 -22.75 6.70 3.91
N SER A 115 -22.63 5.38 3.93
CA SER A 115 -22.19 4.60 2.78
C SER A 115 -23.34 3.67 2.44
N LYS A 116 -24.02 3.96 1.33
CA LYS A 116 -25.25 3.27 0.98
C LYS A 116 -26.22 3.42 2.15
N ASN A 117 -26.55 2.32 2.83
CA ASN A 117 -27.48 2.37 3.95
C ASN A 117 -26.79 2.13 5.29
N ILE A 118 -25.47 2.26 5.35
CA ILE A 118 -24.69 2.06 6.57
C ILE A 118 -24.14 3.40 7.03
N ILE A 119 -24.34 3.73 8.29
CA ILE A 119 -23.67 4.87 8.92
C ILE A 119 -22.34 4.38 9.48
N VAL A 120 -21.26 5.09 9.20
CA VAL A 120 -19.92 4.61 9.53
C VAL A 120 -19.03 5.81 9.77
N SER A 121 -18.03 5.64 10.63
CA SER A 121 -17.05 6.70 10.89
C SER A 121 -15.69 6.35 10.28
N GLN A 122 -14.90 7.40 10.02
CA GLN A 122 -13.48 7.26 9.71
C GLN A 122 -12.79 8.44 10.38
N CYS A 123 -12.03 8.17 11.44
CA CYS A 123 -11.46 9.24 12.26
C CYS A 123 -9.96 9.45 12.06
N GLU A 124 -9.20 8.46 11.63
CA GLU A 124 -7.79 8.74 11.34
C GLU A 124 -7.70 9.63 10.10
N ALA A 125 -6.83 10.64 10.12
CA ALA A 125 -6.02 11.07 11.26
C ALA A 125 -6.73 12.05 12.16
N THR A 126 -7.35 13.08 11.58
CA THR A 126 -7.97 14.17 12.32
C THR A 126 -9.44 14.32 11.95
N GLY A 127 -10.15 13.18 11.87
CA GLY A 127 -11.56 13.14 11.56
C GLY A 127 -12.47 13.15 12.76
N PHE A 128 -11.98 12.82 13.97
CA PHE A 128 -12.87 12.85 15.12
C PHE A 128 -13.44 14.25 15.34
N ARG A 129 -12.65 15.30 15.04
CA ARG A 129 -13.12 16.68 15.17
CA ARG A 129 -13.13 16.68 15.18
C ARG A 129 -14.28 17.00 14.24
N ARG A 130 -14.57 16.15 13.26
CA ARG A 130 -15.76 16.33 12.42
C ARG A 130 -17.00 15.71 13.04
N ILE A 131 -16.85 15.02 14.17
CA ILE A 131 -17.95 14.42 14.89
C ILE A 131 -18.31 15.21 16.14
N THR A 132 -17.31 15.66 16.89
CA THR A 132 -17.54 16.46 18.09
C THR A 132 -16.25 17.21 18.43
N PHE A 133 -16.36 18.14 19.38
CA PHE A 133 -15.20 18.91 19.79
C PHE A 133 -14.19 18.03 20.53
N PHE A 134 -12.91 18.23 20.23
CA PHE A 134 -11.89 17.46 20.91
C PHE A 134 -10.55 18.14 20.72
N ILE A 135 -9.59 17.77 21.56
CA ILE A 135 -8.19 18.12 21.30
C ILE A 135 -7.66 16.95 20.48
N ASP A 136 -7.75 17.08 19.15
CA ASP A 136 -7.74 15.94 18.24
C ASP A 136 -6.29 15.67 17.82
N ARG A 137 -5.58 14.96 18.70
CA ARG A 137 -4.19 14.56 18.49
C ARG A 137 -3.97 13.29 19.28
N PRO A 138 -3.08 12.40 18.82
CA PRO A 138 -3.06 11.03 19.38
C PRO A 138 -2.50 10.93 20.79
N ASP A 139 -1.83 11.96 21.30
CA ASP A 139 -1.35 11.89 22.68
C ASP A 139 -2.40 12.25 23.70
N MET A 140 -3.63 12.57 23.28
CA MET A 140 -4.72 12.88 24.20
C MET A 140 -5.55 11.62 24.40
N MET A 141 -5.07 10.76 25.30
CA MET A 141 -5.63 9.43 25.55
CA MET A 141 -5.70 9.46 25.48
C MET A 141 -6.74 9.51 26.59
N ALA A 142 -7.85 8.83 26.35
CA ALA A 142 -9.01 8.93 27.23
C ALA A 142 -9.80 7.62 27.21
N LYS A 143 -10.67 7.48 28.23
CA LYS A 143 -11.68 6.43 28.29
C LYS A 143 -12.94 6.88 27.57
N TYR A 144 -13.65 5.93 26.95
CA TYR A 144 -14.82 6.24 26.12
C TYR A 144 -16.04 5.44 26.58
N ASP A 145 -17.17 6.14 26.75
CA ASP A 145 -18.46 5.54 27.07
C ASP A 145 -19.42 6.09 26.01
N VAL A 146 -19.91 5.22 25.13
CA VAL A 146 -20.57 5.67 23.90
C VAL A 146 -21.94 5.03 23.77
N THR A 147 -22.96 5.88 23.62
CA THR A 147 -24.31 5.41 23.34
C THR A 147 -24.73 5.87 21.95
N VAL A 148 -25.29 4.95 21.17
CA VAL A 148 -25.78 5.23 19.83
C VAL A 148 -27.26 4.90 19.81
N THR A 149 -28.06 5.79 19.21
CA THR A 149 -29.49 5.53 19.05
C THR A 149 -29.88 5.78 17.60
N ALA A 150 -30.92 5.08 17.15
CA ALA A 150 -31.27 5.12 15.73
C ALA A 150 -32.60 4.42 15.52
N ASP A 151 -33.19 4.66 14.34
CA ASP A 151 -34.37 3.90 13.94
C ASP A 151 -34.03 2.41 13.88
N LYS A 152 -34.87 1.59 14.52
CA LYS A 152 -34.51 0.18 14.67
C LYS A 152 -34.65 -0.58 13.35
N GLU A 153 -35.66 -0.24 12.55
CA GLU A 153 -35.86 -0.94 11.28
C GLU A 153 -34.71 -0.65 10.31
N LYS A 154 -34.26 0.60 10.23
CA LYS A 154 -33.19 0.92 9.29
C LYS A 154 -31.81 0.55 9.83
N TYR A 155 -31.63 0.60 11.15
CA TYR A 155 -30.31 0.43 11.77
C TYR A 155 -30.36 -0.58 12.92
N PRO A 156 -30.68 -1.85 12.64
CA PRO A 156 -30.80 -2.82 13.75
C PRO A 156 -29.49 -3.18 14.41
N VAL A 157 -28.36 -3.04 13.71
CA VAL A 157 -27.06 -3.39 14.27
C VAL A 157 -26.32 -2.10 14.61
N LEU A 158 -25.96 -1.94 15.88
CA LEU A 158 -25.23 -0.79 16.38
C LEU A 158 -23.92 -1.28 16.99
N LEU A 159 -22.81 -0.65 16.60
CA LEU A 159 -21.49 -1.07 17.07
C LEU A 159 -20.64 0.14 17.42
N SER A 160 -19.86 0.01 18.49
CA SER A 160 -18.76 0.94 18.78
C SER A 160 -17.64 0.13 19.44
N ASN A 161 -16.60 0.82 19.90
CA ASN A 161 -15.50 0.16 20.61
C ASN A 161 -15.92 -0.31 21.98
N GLY A 162 -15.27 -1.36 22.46
CA GLY A 162 -15.46 -1.82 23.83
C GLY A 162 -16.59 -2.83 23.97
N ASP A 163 -17.05 -2.99 25.20
CA ASP A 163 -18.08 -3.96 25.51
C ASP A 163 -19.46 -3.34 25.39
N LYS A 164 -20.37 -4.07 24.74
CA LYS A 164 -21.76 -3.62 24.69
C LYS A 164 -22.37 -3.93 26.05
N VAL A 165 -22.73 -2.88 26.79
CA VAL A 165 -23.18 -3.02 28.17
C VAL A 165 -24.67 -2.79 28.34
N ASN A 166 -25.36 -2.22 27.35
CA ASN A 166 -26.81 -2.07 27.44
C ASN A 166 -27.39 -1.98 26.03
N GLU A 167 -28.60 -2.52 25.89
CA GLU A 167 -29.42 -2.36 24.71
C GLU A 167 -30.83 -2.01 25.18
N PHE A 168 -31.47 -1.06 24.53
CA PHE A 168 -32.74 -0.57 25.06
C PHE A 168 -33.63 -0.06 23.93
N GLU A 169 -34.93 -0.14 24.16
CA GLU A 169 -35.93 0.36 23.24
C GLU A 169 -36.23 1.82 23.55
N ILE A 170 -36.63 2.56 22.52
CA ILE A 170 -36.92 3.99 22.60
C ILE A 170 -38.24 4.24 21.88
N PRO A 171 -39.12 5.09 22.41
CA PRO A 171 -40.38 5.37 21.71
C PRO A 171 -40.15 5.86 20.29
N GLY A 172 -41.14 5.59 19.43
CA GLY A 172 -41.06 6.02 18.05
C GLY A 172 -40.31 5.07 17.14
N GLY A 173 -40.18 3.80 17.52
CA GLY A 173 -39.48 2.84 16.69
C GLY A 173 -37.98 2.95 16.72
N ARG A 174 -37.42 3.55 17.76
CA ARG A 174 -35.97 3.70 17.89
C ARG A 174 -35.42 2.71 18.90
N HIS A 175 -34.10 2.58 18.92
CA HIS A 175 -33.44 1.76 19.92
C HIS A 175 -32.04 2.31 20.12
N GLY A 176 -31.39 1.85 21.18
CA GLY A 176 -30.06 2.31 21.50
C GLY A 176 -29.19 1.19 22.01
N ALA A 177 -27.88 1.44 21.97
CA ALA A 177 -26.89 0.54 22.55
C ALA A 177 -25.80 1.38 23.18
N ARG A 178 -25.32 0.93 24.34
CA ARG A 178 -24.24 1.61 25.06
C ARG A 178 -23.02 0.71 25.08
N PHE A 179 -21.87 1.30 24.75
CA PHE A 179 -20.58 0.60 24.68
C PHE A 179 -19.62 1.31 25.62
N ASN A 180 -19.02 0.57 26.55
CA ASN A 180 -18.03 1.11 27.45
C ASN A 180 -16.66 0.51 27.13
N ASP A 181 -15.67 1.37 26.90
CA ASP A 181 -14.33 0.96 26.50
C ASP A 181 -13.35 1.54 27.51
N PRO A 182 -13.06 0.83 28.59
CA PRO A 182 -12.24 1.42 29.68
C PRO A 182 -10.79 1.69 29.32
N PRO A 183 -10.10 0.87 28.52
CA PRO A 183 -8.69 1.16 28.23
C PRO A 183 -8.53 2.50 27.51
N LEU A 184 -7.49 3.25 27.90
CA LEU A 184 -7.23 4.52 27.24
C LEU A 184 -6.96 4.32 25.75
N LYS A 185 -7.43 5.25 24.93
CA LYS A 185 -7.12 5.23 23.51
C LYS A 185 -7.09 6.63 22.95
N PRO A 186 -6.35 6.87 21.87
CA PRO A 186 -6.48 8.12 21.13
C PRO A 186 -7.77 8.16 20.34
N CYS A 187 -8.24 9.38 20.07
CA CYS A 187 -9.55 9.55 19.44
C CYS A 187 -9.57 9.04 17.99
N TYR A 188 -8.43 8.92 17.31
CA TYR A 188 -8.49 8.45 15.94
C TYR A 188 -8.89 6.98 15.86
N LEU A 189 -8.89 6.27 16.98
CA LEU A 189 -9.29 4.86 17.04
C LEU A 189 -10.75 4.67 17.43
N PHE A 190 -11.47 5.75 17.72
CA PHE A 190 -12.91 5.67 17.95
C PHE A 190 -13.60 5.27 16.66
N ALA A 191 -14.67 4.46 16.78
CA ALA A 191 -15.50 4.18 15.62
C ALA A 191 -16.93 3.87 16.05
N VAL A 192 -17.86 4.13 15.13
CA VAL A 192 -19.25 3.73 15.29
CA VAL A 192 -19.26 3.74 15.29
C VAL A 192 -19.76 3.24 13.94
N VAL A 193 -20.63 2.25 13.98
CA VAL A 193 -21.29 1.70 12.79
C VAL A 193 -22.75 1.46 13.14
N ALA A 194 -23.64 1.81 12.22
CA ALA A 194 -25.05 1.49 12.39
C ALA A 194 -25.58 1.04 11.04
N GLY A 195 -26.29 -0.09 11.00
CA GLY A 195 -26.83 -0.54 9.73
C GLY A 195 -27.59 -1.84 9.86
N ASP A 196 -28.17 -2.26 8.74
CA ASP A 196 -28.85 -3.55 8.66
C ASP A 196 -27.84 -4.61 8.21
N LEU A 197 -26.93 -4.92 9.14
CA LEU A 197 -25.78 -5.75 8.83
C LEU A 197 -26.06 -7.22 9.13
N LYS A 198 -25.52 -8.09 8.28
CA LYS A 198 -25.53 -9.53 8.49
C LYS A 198 -24.10 -10.00 8.73
N HIS A 199 -23.95 -11.19 9.32
CA HIS A 199 -22.62 -11.56 9.77
C HIS A 199 -22.36 -13.05 9.66
N LEU A 200 -21.07 -13.39 9.68
CA LEU A 200 -20.56 -14.70 10.05
C LEU A 200 -19.75 -14.52 11.33
N SER A 201 -19.69 -15.57 12.15
CA SER A 201 -18.96 -15.45 13.40
C SER A 201 -18.25 -16.76 13.73
N ALA A 202 -17.25 -16.64 14.61
CA ALA A 202 -16.53 -17.80 15.12
C ALA A 202 -15.97 -17.45 16.48
N THR A 203 -15.50 -18.47 17.19
CA THR A 203 -14.82 -18.28 18.46
C THR A 203 -13.38 -18.74 18.31
N TYR A 204 -12.44 -17.90 18.73
CA TYR A 204 -11.01 -18.22 18.73
C TYR A 204 -10.52 -18.29 20.17
N ILE A 205 -9.73 -19.32 20.47
CA ILE A 205 -9.17 -19.52 21.80
CA ILE A 205 -9.17 -19.53 21.80
C ILE A 205 -7.69 -19.19 21.74
N THR A 206 -7.27 -18.22 22.56
CA THR A 206 -5.89 -17.78 22.50
C THR A 206 -4.93 -18.87 22.97
N LYS A 207 -3.68 -18.76 22.54
CA LYS A 207 -2.73 -19.86 22.64
C LYS A 207 -2.26 -20.08 24.07
N TYR A 208 -2.07 -19.00 24.84
CA TYR A 208 -1.50 -19.09 26.17
C TYR A 208 -2.50 -18.83 27.28
N THR A 209 -3.19 -17.70 27.25
CA THR A 209 -4.18 -17.39 28.26
C THR A 209 -5.46 -18.18 28.09
N LYS A 210 -5.67 -18.82 26.93
CA LYS A 210 -6.87 -19.61 26.66
C LYS A 210 -8.14 -18.78 26.79
N LYS A 211 -8.06 -17.49 26.43
CA LYS A 211 -9.23 -16.63 26.41
C LYS A 211 -10.05 -16.90 25.16
N LYS A 212 -11.37 -16.94 25.34
CA LYS A 212 -12.29 -17.05 24.21
C LYS A 212 -12.50 -15.66 23.61
N VAL A 213 -12.26 -15.53 22.31
CA VAL A 213 -12.49 -14.28 21.59
C VAL A 213 -13.57 -14.53 20.55
N GLU A 214 -14.62 -13.71 20.58
CA GLU A 214 -15.66 -13.77 19.57
CA GLU A 214 -15.65 -13.78 19.56
C GLU A 214 -15.25 -12.96 18.35
N LEU A 215 -15.32 -13.59 17.18
CA LEU A 215 -14.96 -12.95 15.91
C LEU A 215 -16.22 -12.76 15.08
N TYR A 216 -16.46 -11.54 14.63
CA TYR A 216 -17.63 -11.26 13.81
C TYR A 216 -17.19 -10.50 12.57
N VAL A 217 -17.71 -10.91 11.42
CA VAL A 217 -17.46 -10.22 10.16
CA VAL A 217 -17.46 -10.23 10.15
C VAL A 217 -18.82 -9.85 9.57
N PHE A 218 -18.97 -8.59 9.19
CA PHE A 218 -20.26 -8.03 8.81
C PHE A 218 -20.23 -7.44 7.40
N SER A 219 -21.37 -7.55 6.72
CA SER A 219 -21.59 -6.83 5.47
C SER A 219 -23.09 -6.56 5.32
N GLU A 220 -23.44 -5.82 4.27
CA GLU A 220 -24.85 -5.75 3.91
C GLU A 220 -25.34 -7.15 3.52
N GLU A 221 -26.66 -7.34 3.62
CA GLU A 221 -27.25 -8.66 3.43
C GLU A 221 -26.92 -9.25 2.06
N LYS A 222 -26.89 -8.41 1.02
CA LYS A 222 -26.69 -8.93 -0.33
CA LYS A 222 -26.68 -8.90 -0.34
C LYS A 222 -25.37 -9.69 -0.48
N TYR A 223 -24.35 -9.35 0.33
CA TYR A 223 -23.02 -9.89 0.13
C TYR A 223 -22.54 -10.75 1.29
N VAL A 224 -23.45 -11.18 2.18
CA VAL A 224 -23.05 -11.96 3.34
C VAL A 224 -22.34 -13.25 2.92
N SER A 225 -22.64 -13.78 1.74
CA SER A 225 -21.96 -14.99 1.26
C SER A 225 -20.52 -14.74 0.83
N LYS A 226 -20.02 -13.50 0.93
CA LYS A 226 -18.65 -13.18 0.55
C LYS A 226 -17.75 -12.96 1.75
N LEU A 227 -18.20 -13.31 2.97
CA LEU A 227 -17.48 -13.02 4.20
C LEU A 227 -16.56 -14.16 4.66
N GLN A 228 -16.64 -15.34 4.07
CA GLN A 228 -15.98 -16.52 4.63
CA GLN A 228 -15.98 -16.52 4.63
C GLN A 228 -14.45 -16.37 4.64
N TRP A 229 -13.87 -15.97 3.50
CA TRP A 229 -12.41 -15.90 3.45
C TRP A 229 -11.86 -14.92 4.47
N ALA A 230 -12.50 -13.75 4.65
CA ALA A 230 -12.06 -12.78 5.62
C ALA A 230 -11.96 -13.38 7.02
N LEU A 231 -12.98 -14.16 7.41
CA LEU A 231 -12.97 -14.78 8.74
C LEU A 231 -11.81 -15.76 8.86
N GLU A 232 -11.54 -16.55 7.82
CA GLU A 232 -10.39 -17.44 7.85
CA GLU A 232 -10.38 -17.44 7.84
C GLU A 232 -9.09 -16.65 7.96
N CYS A 233 -8.99 -15.53 7.24
CA CYS A 233 -7.79 -14.71 7.32
C CYS A 233 -7.59 -14.14 8.72
N LEU A 234 -8.68 -13.77 9.39
CA LEU A 234 -8.55 -13.23 10.73
C LEU A 234 -8.01 -14.28 11.70
N LYS A 235 -8.54 -15.50 11.61
CA LYS A 235 -8.00 -16.59 12.43
C LYS A 235 -6.52 -16.81 12.14
N LYS A 236 -6.14 -16.79 10.86
CA LYS A 236 -4.73 -16.96 10.52
C LYS A 236 -3.87 -15.84 11.09
N SER A 237 -4.37 -14.60 11.06
CA SER A 237 -3.63 -13.47 11.58
C SER A 237 -3.39 -13.60 13.08
N MET A 238 -4.43 -13.99 13.81
CA MET A 238 -4.28 -14.17 15.25
C MET A 238 -3.27 -15.25 15.56
N ALA A 239 -3.31 -16.35 14.82
CA ALA A 239 -2.36 -17.43 15.07
C ALA A 239 -0.93 -16.99 14.76
N PHE A 240 -0.74 -16.21 13.70
CA PHE A 240 0.62 -15.78 13.35
C PHE A 240 1.21 -14.86 14.40
N ASP A 241 0.44 -13.88 14.90
CA ASP A 241 0.99 -13.03 15.96
C ASP A 241 1.33 -13.84 17.19
N GLU A 242 0.52 -14.85 17.50
CA GLU A 242 0.84 -15.75 18.61
C GLU A 242 2.10 -16.55 18.33
N ASP A 243 2.23 -17.08 17.12
CA ASP A 243 3.30 -18.04 16.84
C ASP A 243 4.65 -17.36 16.60
N TYR A 244 4.67 -16.27 15.83
CA TYR A 244 5.94 -15.59 15.57
C TYR A 244 6.31 -14.66 16.72
N PHE A 245 5.36 -13.85 17.20
CA PHE A 245 5.66 -12.79 18.15
C PHE A 245 5.23 -13.08 19.57
N GLY A 246 4.51 -14.18 19.81
CA GLY A 246 4.03 -14.48 21.14
C GLY A 246 2.96 -13.54 21.66
N LEU A 247 2.19 -12.92 20.76
CA LEU A 247 1.25 -11.89 21.11
C LEU A 247 -0.18 -12.38 20.93
N GLU A 248 -1.00 -12.24 21.98
CA GLU A 248 -2.38 -12.64 21.98
C GLU A 248 -3.32 -11.43 22.01
N TYR A 249 -4.50 -11.63 21.44
CA TYR A 249 -5.53 -10.59 21.49
C TYR A 249 -6.05 -10.48 22.92
N ASP A 250 -6.31 -9.24 23.35
CA ASP A 250 -6.61 -8.90 24.73
C ASP A 250 -8.08 -8.67 25.01
N LEU A 251 -8.92 -8.58 24.00
CA LEU A 251 -10.32 -8.18 24.14
C LEU A 251 -11.25 -9.37 23.89
N SER A 252 -12.49 -9.23 24.35
CA SER A 252 -13.46 -10.32 24.25
CA SER A 252 -13.43 -10.34 24.25
C SER A 252 -14.01 -10.51 22.85
N ARG A 253 -13.93 -9.49 22.00
CA ARG A 253 -14.60 -9.53 20.71
C ARG A 253 -13.83 -8.66 19.72
N LEU A 254 -13.83 -9.09 18.46
CA LEU A 254 -13.27 -8.30 17.37
C LEU A 254 -14.27 -8.33 16.21
N ASN A 255 -14.68 -7.15 15.76
CA ASN A 255 -15.62 -7.02 14.66
C ASN A 255 -14.90 -6.47 13.44
N LEU A 256 -15.18 -7.05 12.27
CA LEU A 256 -14.73 -6.51 10.98
C LEU A 256 -15.98 -6.16 10.18
N VAL A 257 -16.01 -4.96 9.59
CA VAL A 257 -17.19 -4.49 8.88
C VAL A 257 -16.80 -3.99 7.50
N ALA A 258 -17.49 -4.49 6.47
CA ALA A 258 -17.28 -4.01 5.11
C ALA A 258 -18.27 -2.90 4.77
N VAL A 259 -17.77 -1.81 4.18
CA VAL A 259 -18.63 -0.75 3.64
C VAL A 259 -18.22 -0.47 2.19
N SER A 260 -19.17 0.02 1.40
CA SER A 260 -18.96 0.18 -0.03
C SER A 260 -18.13 1.42 -0.36
N ASP A 261 -18.20 2.45 0.48
CA ASP A 261 -17.57 3.73 0.19
C ASP A 261 -16.48 3.97 1.23
N PHE A 262 -15.22 3.92 0.78
CA PHE A 262 -14.11 4.04 1.71
C PHE A 262 -12.93 4.63 0.95
N ASN A 263 -12.21 5.54 1.61
CA ASN A 263 -11.13 6.24 0.91
C ASN A 263 -9.92 5.36 0.67
N VAL A 264 -9.68 4.37 1.53
CA VAL A 264 -8.47 3.54 1.45
C VAL A 264 -8.87 2.07 1.55
N GLY A 265 -7.98 1.22 2.06
CA GLY A 265 -8.28 -0.20 2.19
C GLY A 265 -9.05 -0.59 3.43
N ALA A 266 -8.58 -0.17 4.61
CA ALA A 266 -9.24 -0.51 5.87
C ALA A 266 -8.63 0.31 6.99
N MET A 267 -9.24 0.20 8.16
CA MET A 267 -8.88 1.03 9.31
C MET A 267 -8.97 0.21 10.60
N GLU A 268 -7.97 0.38 11.46
CA GLU A 268 -7.79 -0.49 12.62
C GLU A 268 -8.52 -0.03 13.88
N ASN A 269 -9.71 0.56 13.79
CA ASN A 269 -10.37 1.04 15.00
C ASN A 269 -10.49 -0.10 16.00
N LYS A 270 -10.23 0.20 17.27
CA LYS A 270 -10.00 -0.84 18.26
C LYS A 270 -11.25 -1.71 18.42
N GLY A 271 -11.11 -3.02 18.15
CA GLY A 271 -12.21 -3.96 18.22
C GLY A 271 -13.28 -3.82 17.16
N LEU A 272 -13.12 -2.87 16.22
CA LEU A 272 -14.15 -2.54 15.23
C LEU A 272 -13.42 -2.07 13.97
N ASN A 273 -12.77 -3.02 13.29
CA ASN A 273 -12.00 -2.71 12.09
C ASN A 273 -12.97 -2.53 10.92
N ILE A 274 -12.81 -1.44 10.19
CA ILE A 274 -13.74 -1.09 9.10
C ILE A 274 -12.97 -1.15 7.79
N PHE A 275 -13.58 -1.78 6.78
CA PHE A 275 -12.91 -2.13 5.53
C PHE A 275 -13.65 -1.58 4.33
N ASN A 276 -12.90 -1.08 3.35
CA ASN A 276 -13.40 -1.07 1.99
C ASN A 276 -13.87 -2.48 1.65
N ALA A 277 -15.10 -2.59 1.15
CA ALA A 277 -15.61 -3.90 0.76
C ALA A 277 -14.66 -4.64 -0.17
N ASN A 278 -13.91 -3.92 -1.02
CA ASN A 278 -13.02 -4.63 -1.93
C ASN A 278 -11.85 -5.28 -1.23
N SER A 279 -11.64 -4.99 0.05
CA SER A 279 -10.54 -5.57 0.80
C SER A 279 -11.03 -6.48 1.91
N LEU A 280 -12.31 -6.85 1.89
CA LEU A 280 -12.86 -7.79 2.86
C LEU A 280 -13.68 -8.91 2.20
N LEU A 281 -14.41 -8.61 1.13
CA LEU A 281 -15.41 -9.52 0.56
C LEU A 281 -14.88 -10.20 -0.69
N ALA A 282 -15.06 -11.51 -0.77
CA ALA A 282 -14.71 -12.24 -1.99
C ALA A 282 -15.55 -13.51 -2.08
N SER A 283 -15.77 -13.98 -3.31
CA SER A 283 -16.19 -15.35 -3.53
C SER A 283 -15.59 -15.81 -4.84
N LYS A 284 -15.47 -17.13 -4.99
CA LYS A 284 -14.77 -17.62 -6.17
C LYS A 284 -15.52 -17.33 -7.46
N LYS A 285 -16.85 -17.23 -7.39
CA LYS A 285 -17.64 -16.92 -8.57
C LYS A 285 -17.61 -15.43 -8.91
N ASN A 286 -17.37 -14.57 -7.92
CA ASN A 286 -17.58 -13.13 -8.10
C ASN A 286 -16.36 -12.28 -7.84
N SER A 287 -15.17 -12.89 -7.75
CA SER A 287 -13.96 -12.12 -7.46
C SER A 287 -12.80 -12.65 -8.29
N ILE A 288 -11.91 -11.74 -8.68
CA ILE A 288 -10.66 -12.16 -9.30
C ILE A 288 -9.72 -12.69 -8.22
N ASP A 289 -8.71 -13.44 -8.68
CA ASP A 289 -7.78 -14.10 -7.76
C ASP A 289 -7.09 -13.10 -6.84
N PHE A 290 -6.78 -11.90 -7.36
CA PHE A 290 -6.07 -10.92 -6.55
CA PHE A 290 -6.08 -10.89 -6.58
C PHE A 290 -6.80 -10.58 -5.26
N SER A 291 -8.13 -10.70 -5.24
CA SER A 291 -8.89 -10.41 -4.02
C SER A 291 -8.45 -11.26 -2.85
N TYR A 292 -7.99 -12.49 -3.10
CA TYR A 292 -7.67 -13.40 -2.00
C TYR A 292 -6.42 -12.95 -1.26
N ALA A 293 -5.36 -12.61 -2.00
CA ALA A 293 -4.19 -12.06 -1.33
C ALA A 293 -4.47 -10.68 -0.73
N ARG A 294 -5.32 -9.88 -1.38
CA ARG A 294 -5.65 -8.56 -0.86
C ARG A 294 -6.33 -8.65 0.49
N ILE A 295 -7.35 -9.48 0.58
CA ILE A 295 -8.05 -9.66 1.85
C ILE A 295 -7.11 -10.20 2.93
N LEU A 296 -6.28 -11.19 2.58
CA LEU A 296 -5.34 -11.73 3.55
CA LEU A 296 -5.34 -11.73 3.55
C LEU A 296 -4.44 -10.62 4.08
N THR A 297 -3.90 -9.80 3.17
CA THR A 297 -2.99 -8.73 3.58
CA THR A 297 -3.00 -8.70 3.53
C THR A 297 -3.70 -7.68 4.43
N VAL A 298 -4.91 -7.27 4.03
CA VAL A 298 -5.54 -6.15 4.72
C VAL A 298 -6.14 -6.58 6.06
N VAL A 299 -6.80 -7.75 6.11
CA VAL A 299 -7.23 -8.28 7.40
C VAL A 299 -6.02 -8.43 8.33
N GLY A 300 -4.94 -9.01 7.83
CA GLY A 300 -3.76 -9.17 8.65
C GLY A 300 -3.20 -7.85 9.12
N HIS A 301 -3.05 -6.90 8.19
CA HIS A 301 -2.57 -5.57 8.52
C HIS A 301 -3.38 -4.94 9.66
N GLU A 302 -4.71 -4.93 9.54
CA GLU A 302 -5.49 -4.28 10.59
C GLU A 302 -5.37 -5.03 11.92
N TYR A 303 -5.31 -6.37 11.87
CA TYR A 303 -5.14 -7.13 13.11
C TYR A 303 -3.80 -6.82 13.77
N PHE A 304 -2.72 -6.76 12.98
CA PHE A 304 -1.40 -6.53 13.58
C PHE A 304 -1.29 -5.14 14.21
N HIS A 305 -2.12 -4.19 13.76
CA HIS A 305 -2.14 -2.89 14.42
C HIS A 305 -2.60 -2.99 15.87
N GLN A 306 -3.29 -4.07 16.27
CA GLN A 306 -3.77 -4.10 17.65
C GLN A 306 -2.62 -3.90 18.62
N TYR A 307 -1.46 -4.48 18.32
CA TYR A 307 -0.26 -4.15 19.07
C TYR A 307 0.49 -2.95 18.51
N THR A 308 0.82 -2.98 17.21
CA THR A 308 1.68 -1.93 16.64
C THR A 308 0.80 -0.80 16.09
N GLY A 309 0.33 0.04 17.01
CA GLY A 309 -0.53 1.17 16.69
C GLY A 309 -1.61 1.40 17.73
N ASN A 310 -2.22 0.32 18.21
CA ASN A 310 -3.33 0.48 19.13
C ASN A 310 -2.85 0.38 20.58
N ARG A 311 -2.26 -0.74 20.96
CA ARG A 311 -1.73 -0.87 22.32
C ARG A 311 -0.49 -0.01 22.53
N VAL A 312 0.42 0.00 21.57
CA VAL A 312 1.50 0.98 21.50
C VAL A 312 1.10 1.97 20.42
N THR A 313 0.78 3.21 20.79
CA THR A 313 0.29 4.19 19.83
C THR A 313 1.35 5.27 19.56
N LEU A 314 0.94 6.34 18.90
CA LEU A 314 1.85 7.37 18.43
C LEU A 314 1.80 8.60 19.33
N ARG A 315 2.98 9.17 19.61
CA ARG A 315 3.01 10.44 20.34
C ARG A 315 2.42 11.56 19.50
N ASP A 316 2.63 11.51 18.19
CA ASP A 316 2.24 12.57 17.27
C ASP A 316 2.27 11.98 15.87
N TRP A 317 1.72 12.73 14.90
CA TRP A 317 1.55 12.17 13.56
C TRP A 317 2.87 12.02 12.80
N PHE A 318 3.92 12.73 13.21
CA PHE A 318 5.21 12.55 12.57
C PHE A 318 5.75 11.15 12.78
N GLN A 319 5.26 10.44 13.80
CA GLN A 319 5.65 9.06 14.04
C GLN A 319 4.86 8.05 13.22
N LEU A 320 4.08 8.48 12.21
CA LEU A 320 3.19 7.56 11.50
C LEU A 320 3.88 6.26 11.08
N THR A 321 5.11 6.35 10.54
CA THR A 321 5.78 5.14 10.05
C THR A 321 6.04 4.14 11.17
N LEU A 322 6.14 4.59 12.41
CA LEU A 322 6.31 3.67 13.53
C LEU A 322 5.17 2.67 13.62
N LYS A 323 3.93 3.09 13.35
CA LYS A 323 2.85 2.11 13.26
C LYS A 323 2.63 1.56 11.85
N GLU A 324 2.76 2.39 10.81
CA GLU A 324 2.44 1.89 9.46
C GLU A 324 3.59 1.09 8.85
N GLY A 325 4.81 1.61 8.90
CA GLY A 325 5.93 0.82 8.41
C GLY A 325 6.07 -0.50 9.15
N LEU A 326 5.91 -0.48 10.46
CA LEU A 326 6.06 -1.68 11.26
C LEU A 326 4.91 -2.66 11.02
N THR A 327 3.69 -2.16 10.84
CA THR A 327 2.56 -3.04 10.58
C THR A 327 2.63 -3.62 9.17
N VAL A 328 3.07 -2.84 8.18
CA VAL A 328 3.28 -3.43 6.86
C VAL A 328 4.32 -4.53 6.92
N HIS A 329 5.41 -4.32 7.68
CA HIS A 329 6.43 -5.34 7.82
C HIS A 329 5.84 -6.60 8.46
N ARG A 330 5.05 -6.43 9.52
CA ARG A 330 4.38 -7.58 10.14
C ARG A 330 3.44 -8.29 9.17
N GLU A 331 2.66 -7.51 8.40
CA GLU A 331 1.79 -8.12 7.39
C GLU A 331 2.60 -8.87 6.33
N ASN A 332 3.75 -8.34 5.94
CA ASN A 332 4.57 -9.00 4.93
C ASN A 332 5.13 -10.32 5.46
N LEU A 333 5.60 -10.35 6.70
CA LEU A 333 6.05 -11.62 7.28
C LEU A 333 4.91 -12.62 7.29
N PHE A 334 3.72 -12.17 7.65
CA PHE A 334 2.55 -13.01 7.72
C PHE A 334 2.18 -13.56 6.35
N SER A 335 2.07 -12.68 5.36
CA SER A 335 1.67 -13.13 4.03
CA SER A 335 1.67 -13.10 4.01
C SER A 335 2.70 -14.05 3.42
N GLU A 336 3.99 -13.77 3.63
CA GLU A 336 5.01 -14.67 3.11
C GLU A 336 4.84 -16.07 3.72
N GLU A 337 4.54 -16.14 5.00
CA GLU A 337 4.37 -17.44 5.65
C GLU A 337 3.09 -18.14 5.18
N MET A 338 2.02 -17.38 4.94
CA MET A 338 0.74 -17.98 4.58
C MET A 338 0.71 -18.45 3.14
N THR A 339 1.34 -17.70 2.22
CA THR A 339 1.25 -18.06 0.81
C THR A 339 2.28 -19.10 0.41
N LYS A 340 3.43 -19.11 1.09
CA LYS A 340 4.53 -20.01 0.75
CA LYS A 340 4.53 -20.01 0.75
C LYS A 340 4.92 -19.94 -0.72
N THR A 341 4.88 -18.74 -1.29
CA THR A 341 5.26 -18.49 -2.67
CA THR A 341 5.29 -18.52 -2.66
C THR A 341 6.28 -17.37 -2.71
N VAL A 342 7.35 -17.53 -3.50
CA VAL A 342 8.34 -16.47 -3.58
C VAL A 342 7.78 -15.20 -4.19
N THR A 343 6.69 -15.30 -4.94
CA THR A 343 6.16 -14.09 -5.58
C THR A 343 5.58 -13.10 -4.57
N THR A 344 5.27 -13.52 -3.35
CA THR A 344 4.78 -12.57 -2.35
C THR A 344 5.83 -11.49 -2.07
N ARG A 345 7.05 -11.90 -1.72
CA ARG A 345 8.13 -10.93 -1.52
C ARG A 345 8.44 -10.18 -2.81
N LEU A 346 8.49 -10.88 -3.94
CA LEU A 346 8.83 -10.20 -5.19
C LEU A 346 7.80 -9.13 -5.52
N SER A 347 6.52 -9.39 -5.24
CA SER A 347 5.49 -8.39 -5.55
C SER A 347 5.66 -7.11 -4.72
N HIS A 348 6.10 -7.26 -3.46
CA HIS A 348 6.33 -6.08 -2.65
CA HIS A 348 6.34 -6.08 -2.63
C HIS A 348 7.53 -5.29 -3.16
N VAL A 349 8.59 -5.98 -3.57
CA VAL A 349 9.75 -5.30 -4.12
C VAL A 349 9.38 -4.59 -5.43
N ASP A 350 8.59 -5.27 -6.27
CA ASP A 350 8.17 -4.71 -7.56
CA ASP A 350 8.18 -4.71 -7.55
C ASP A 350 7.41 -3.41 -7.36
N LEU A 351 6.53 -3.37 -6.36
CA LEU A 351 5.81 -2.15 -6.05
C LEU A 351 6.74 -1.09 -5.51
N LEU A 352 7.61 -1.44 -4.56
CA LEU A 352 8.52 -0.44 -3.99
C LEU A 352 9.37 0.21 -5.07
N ARG A 353 10.01 -0.60 -5.91
CA ARG A 353 10.97 -0.05 -6.86
C ARG A 353 10.32 0.66 -8.03
N SER A 354 9.02 0.49 -8.25
CA SER A 354 8.33 1.31 -9.24
C SER A 354 7.71 2.53 -8.55
N VAL A 355 6.65 2.32 -7.77
CA VAL A 355 5.86 3.42 -7.23
C VAL A 355 6.65 4.22 -6.19
N GLN A 356 7.29 3.53 -5.23
CA GLN A 356 7.96 4.28 -4.18
C GLN A 356 9.24 4.95 -4.67
N PHE A 357 10.03 4.28 -5.52
CA PHE A 357 11.23 4.92 -6.04
C PHE A 357 10.87 6.14 -6.87
N LEU A 358 9.78 6.06 -7.64
CA LEU A 358 9.31 7.23 -8.38
C LEU A 358 9.01 8.39 -7.42
N GLU A 359 8.25 8.11 -6.36
CA GLU A 359 7.95 9.16 -5.39
C GLU A 359 9.23 9.76 -4.82
N ASP A 360 10.21 8.90 -4.51
CA ASP A 360 11.42 9.38 -3.85
C ASP A 360 12.35 10.16 -4.77
N SER A 361 12.15 10.10 -6.09
CA SER A 361 12.92 10.95 -6.99
CA SER A 361 12.89 10.91 -7.05
C SER A 361 12.07 12.07 -7.57
N SER A 362 10.86 12.26 -7.08
CA SER A 362 9.94 13.30 -7.51
C SER A 362 10.04 14.50 -6.60
N PRO A 363 9.42 15.62 -6.96
CA PRO A 363 9.40 16.77 -6.05
C PRO A 363 8.70 16.49 -4.75
N LEU A 364 7.96 15.39 -4.65
CA LEU A 364 7.27 15.03 -3.43
C LEU A 364 8.14 14.25 -2.46
N SER A 365 9.40 13.97 -2.83
CA SER A 365 10.25 13.10 -2.00
C SER A 365 10.30 13.59 -0.55
N HIS A 366 10.16 12.65 0.37
CA HIS A 366 10.22 12.92 1.80
C HIS A 366 10.84 11.72 2.49
N PRO A 367 11.41 11.90 3.68
CA PRO A 367 11.84 10.74 4.47
C PRO A 367 10.63 10.07 5.11
N ILE A 368 10.87 8.87 5.65
CA ILE A 368 9.75 8.12 6.22
C ILE A 368 9.20 8.80 7.47
N ARG A 369 9.98 9.68 8.11
CA ARG A 369 9.49 10.57 9.17
C ARG A 369 9.68 12.00 8.69
N PRO A 370 8.69 12.59 8.05
CA PRO A 370 8.85 13.96 7.55
C PRO A 370 9.07 14.97 8.66
N GLU A 371 9.62 16.12 8.25
CA GLU A 371 9.87 17.21 9.18
C GLU A 371 8.68 18.15 9.31
N SER A 372 7.73 18.10 8.38
CA SER A 372 6.60 19.03 8.40
C SER A 372 5.44 18.45 7.59
N TYR A 373 4.25 18.98 7.86
CA TYR A 373 3.09 18.69 7.03
C TYR A 373 2.09 19.85 7.09
N VAL A 374 1.26 19.92 6.07
CA VAL A 374 0.09 20.79 6.04
C VAL A 374 -1.20 19.97 6.11
N SER A 375 -1.30 18.93 5.27
CA SER A 375 -2.47 18.07 5.22
C SER A 375 -2.09 16.68 5.72
N MET A 376 -2.74 16.22 6.79
CA MET A 376 -2.56 14.84 7.21
CA MET A 376 -2.56 14.84 7.21
C MET A 376 -3.12 13.85 6.20
N GLU A 377 -4.17 14.26 5.47
CA GLU A 377 -4.76 13.39 4.46
C GLU A 377 -3.80 13.10 3.30
N ASN A 378 -2.70 13.86 3.19
CA ASN A 378 -1.69 13.66 2.16
C ASN A 378 -0.44 12.94 2.66
N PHE A 379 -0.42 12.59 3.95
CA PHE A 379 0.75 12.02 4.62
C PHE A 379 0.86 10.51 4.45
N TYR A 380 -0.20 9.86 3.98
CA TYR A 380 -0.28 8.40 4.01
C TYR A 380 0.26 7.84 2.70
N THR A 381 1.59 7.84 2.58
CA THR A 381 2.26 7.65 1.30
C THR A 381 2.95 6.30 1.22
N THR A 382 3.26 5.90 -0.02
CA THR A 382 4.07 4.71 -0.20
C THR A 382 5.44 4.83 0.46
N THR A 383 5.98 6.04 0.57
CA THR A 383 7.23 6.19 1.32
C THR A 383 7.04 5.81 2.78
N VAL A 384 6.03 6.39 3.44
CA VAL A 384 5.83 6.11 4.85
C VAL A 384 5.49 4.63 5.08
N TYR A 385 4.71 4.05 4.19
CA TYR A 385 4.24 2.67 4.36
C TYR A 385 5.27 1.65 3.89
N ASP A 386 5.68 1.77 2.63
CA ASP A 386 6.43 0.70 1.98
C ASP A 386 7.93 0.88 2.16
N LYS A 387 8.47 2.09 2.00
CA LYS A 387 9.85 2.27 2.43
C LYS A 387 9.95 2.09 3.94
N GLY A 388 8.95 2.59 4.70
CA GLY A 388 8.92 2.32 6.13
C GLY A 388 9.01 0.83 6.45
N SER A 389 8.25 0.02 5.71
CA SER A 389 8.29 -1.41 5.93
CA SER A 389 8.29 -1.42 5.92
C SER A 389 9.67 -2.00 5.66
N GLU A 390 10.36 -1.48 4.63
CA GLU A 390 11.69 -2.00 4.34
C GLU A 390 12.70 -1.59 5.40
N VAL A 391 12.54 -0.38 5.95
CA VAL A 391 13.38 0.04 7.07
C VAL A 391 13.10 -0.83 8.29
N MET A 392 11.83 -1.18 8.52
CA MET A 392 11.53 -2.05 9.65
C MET A 392 12.07 -3.46 9.40
N ARG A 393 12.02 -3.93 8.15
CA ARG A 393 12.53 -5.26 7.79
C ARG A 393 14.05 -5.34 7.90
N MET A 394 14.77 -4.24 7.65
CA MET A 394 16.23 -4.29 7.75
C MET A 394 16.70 -4.62 9.16
N TYR A 395 15.94 -4.24 10.20
CA TYR A 395 16.30 -4.65 11.54
C TYR A 395 16.32 -6.16 11.68
N LEU A 396 15.33 -6.85 11.09
CA LEU A 396 15.30 -8.31 11.12
C LEU A 396 16.50 -8.89 10.36
N THR A 397 16.80 -8.32 9.20
CA THR A 397 17.97 -8.79 8.44
C THR A 397 19.26 -8.61 9.24
N ILE A 398 19.42 -7.46 9.92
CA ILE A 398 20.63 -7.17 10.68
C ILE A 398 20.76 -8.08 11.88
N LEU A 399 19.67 -8.30 12.62
CA LEU A 399 19.70 -9.03 13.88
C LEU A 399 19.55 -10.52 13.74
N GLY A 400 18.93 -11.00 12.66
CA GLY A 400 18.48 -12.36 12.60
C GLY A 400 17.22 -12.58 13.43
N GLU A 401 16.55 -13.70 13.15
CA GLU A 401 15.22 -13.92 13.72
C GLU A 401 15.23 -13.93 15.24
N GLU A 402 16.20 -14.61 15.84
CA GLU A 402 16.17 -14.76 17.30
C GLU A 402 16.33 -13.42 18.00
N TYR A 403 17.33 -12.63 17.59
CA TYR A 403 17.55 -11.35 18.25
C TYR A 403 16.53 -10.30 17.82
N TYR A 404 16.00 -10.41 16.60
CA TYR A 404 14.91 -9.53 16.20
C TYR A 404 13.69 -9.74 17.11
N LYS A 405 13.33 -11.01 17.35
CA LYS A 405 12.20 -11.28 18.22
C LYS A 405 12.47 -10.77 19.63
N LYS A 406 13.70 -10.91 20.11
CA LYS A 406 14.04 -10.37 21.43
C LYS A 406 13.87 -8.85 21.45
N GLY A 407 14.35 -8.16 20.42
CA GLY A 407 14.23 -6.71 20.39
C GLY A 407 12.78 -6.25 20.27
N PHE A 408 11.99 -6.96 19.48
CA PHE A 408 10.59 -6.59 19.31
C PHE A 408 9.83 -6.75 20.62
N ASP A 409 10.09 -7.83 21.35
CA ASP A 409 9.43 -7.99 22.64
CA ASP A 409 9.49 -8.05 22.67
C ASP A 409 9.82 -6.89 23.61
N ILE A 410 11.07 -6.43 23.58
CA ILE A 410 11.48 -5.30 24.42
C ILE A 410 10.64 -4.08 24.08
N TYR A 411 10.46 -3.80 22.78
CA TYR A 411 9.65 -2.67 22.36
C TYR A 411 8.23 -2.79 22.90
N ILE A 412 7.62 -3.97 22.77
CA ILE A 412 6.24 -4.15 23.21
C ILE A 412 6.13 -4.00 24.72
N LYS A 413 7.02 -4.68 25.46
CA LYS A 413 6.90 -4.67 26.91
C LYS A 413 7.13 -3.28 27.49
N LYS A 414 8.08 -2.53 26.93
CA LYS A 414 8.39 -1.20 27.48
C LYS A 414 7.30 -0.18 27.15
N ASN A 415 6.62 -0.33 26.02
CA ASN A 415 5.75 0.74 25.51
C ASN A 415 4.27 0.38 25.51
N ASP A 416 3.91 -0.85 25.87
CA ASP A 416 2.51 -1.27 25.90
C ASP A 416 1.68 -0.32 26.74
N GLY A 417 0.57 0.16 26.17
CA GLY A 417 -0.34 1.06 26.85
C GLY A 417 0.03 2.51 26.77
N ASN A 418 1.03 2.88 25.98
CA ASN A 418 1.56 4.22 25.95
CA ASN A 418 1.55 4.23 25.96
C ASN A 418 1.74 4.69 24.51
N THR A 419 1.97 6.00 24.35
CA THR A 419 2.41 6.55 23.08
C THR A 419 3.90 6.27 22.91
N ALA A 420 4.37 6.31 21.66
CA ALA A 420 5.78 6.03 21.39
C ALA A 420 6.25 6.83 20.18
N THR A 421 7.57 6.86 20.01
CA THR A 421 8.23 7.55 18.89
C THR A 421 9.13 6.56 18.17
N CYS A 422 9.61 6.96 16.99
CA CYS A 422 10.53 6.11 16.25
C CYS A 422 11.77 5.80 17.07
N GLU A 423 12.24 6.75 17.88
CA GLU A 423 13.40 6.49 18.72
C GLU A 423 13.16 5.34 19.70
N ASP A 424 11.93 5.18 20.19
CA ASP A 424 11.64 4.08 21.10
C ASP A 424 11.87 2.74 20.42
N PHE A 425 11.50 2.64 19.15
CA PHE A 425 11.73 1.37 18.45
C PHE A 425 13.21 1.16 18.19
N ASN A 426 13.93 2.20 17.75
CA ASN A 426 15.36 2.05 17.50
C ASN A 426 16.09 1.67 18.77
N TYR A 427 15.65 2.23 19.92
CA TYR A 427 16.27 1.89 21.20
C TYR A 427 16.12 0.40 21.50
N ALA A 428 14.92 -0.15 21.29
CA ALA A 428 14.71 -1.58 21.53
C ALA A 428 15.54 -2.44 20.60
N MET A 429 15.61 -2.06 19.32
CA MET A 429 16.46 -2.80 18.39
C MET A 429 17.92 -2.70 18.79
N GLU A 430 18.32 -1.54 19.31
CA GLU A 430 19.70 -1.37 19.74
C GLU A 430 20.04 -2.28 20.90
N GLN A 431 19.10 -2.48 21.83
CA GLN A 431 19.39 -3.38 22.95
C GLN A 431 19.66 -4.79 22.45
N ALA A 432 18.87 -5.25 21.46
CA ALA A 432 19.15 -6.55 20.87
C ALA A 432 20.45 -6.56 20.07
N TYR A 433 20.78 -5.44 19.43
CA TYR A 433 22.04 -5.36 18.68
C TYR A 433 23.23 -5.55 19.61
N LYS A 434 23.21 -4.91 20.78
CA LYS A 434 24.30 -5.08 21.74
C LYS A 434 24.41 -6.53 22.17
N MET A 435 23.27 -7.20 22.37
CA MET A 435 23.29 -8.62 22.76
CA MET A 435 23.30 -8.61 22.76
C MET A 435 23.88 -9.48 21.65
N LYS A 436 23.47 -9.24 20.41
CA LYS A 436 23.98 -10.03 19.29
CA LYS A 436 23.98 -10.03 19.29
C LYS A 436 25.48 -9.82 19.09
N LYS A 437 25.93 -8.57 19.21
CA LYS A 437 27.35 -8.27 19.02
C LYS A 437 28.19 -8.57 20.25
N ALA A 438 27.56 -8.91 21.37
CA ALA A 438 28.26 -9.09 22.64
C ALA A 438 29.16 -7.89 22.94
N ASP A 439 28.57 -6.69 22.85
CA ASP A 439 29.36 -5.46 22.93
C ASP A 439 28.38 -4.35 23.35
N ASN A 440 28.40 -4.00 24.64
CA ASN A 440 27.57 -2.93 25.16
CA ASN A 440 27.52 -2.95 25.10
C ASN A 440 27.89 -1.57 24.56
N SER A 441 29.00 -1.46 23.81
CA SER A 441 29.35 -0.22 23.15
C SER A 441 28.76 -0.12 21.74
N ALA A 442 28.26 -1.22 21.17
CA ALA A 442 27.60 -1.16 19.88
C ALA A 442 26.35 -0.31 19.97
N ASN A 443 26.03 0.38 18.88
CA ASN A 443 24.85 1.23 18.88
C ASN A 443 24.29 1.32 17.46
N LEU A 444 23.04 1.79 17.38
CA LEU A 444 22.35 1.99 16.12
C LEU A 444 22.05 3.47 15.88
N ASN A 445 22.92 4.35 16.36
CA ASN A 445 22.71 5.78 16.14
CA ASN A 445 22.70 5.78 16.14
C ASN A 445 22.66 6.10 14.65
N GLN A 446 23.57 5.51 13.87
CA GLN A 446 23.57 5.76 12.42
C GLN A 446 22.26 5.29 11.80
N TYR A 447 21.64 4.26 12.39
CA TYR A 447 20.44 3.71 11.78
C TYR A 447 19.32 4.74 11.71
N LEU A 448 19.30 5.71 12.63
CA LEU A 448 18.25 6.72 12.64
C LEU A 448 18.22 7.56 11.38
N LEU A 449 19.31 7.58 10.61
CA LEU A 449 19.27 8.30 9.34
C LEU A 449 18.26 7.72 8.36
N TRP A 450 17.91 6.43 8.50
CA TRP A 450 16.85 5.88 7.65
C TRP A 450 15.52 6.56 7.88
N PHE A 451 15.33 7.18 9.05
CA PHE A 451 14.07 7.87 9.33
C PHE A 451 14.06 9.30 8.85
N SER A 452 15.23 9.94 8.76
CA SER A 452 15.32 11.35 8.47
C SER A 452 15.80 11.70 7.07
N GLN A 453 16.50 10.79 6.39
CA GLN A 453 17.11 11.12 5.10
C GLN A 453 16.19 10.64 3.98
N SER A 454 15.84 11.55 3.07
CA SER A 454 15.02 11.21 1.93
C SER A 454 15.88 10.74 0.77
N GLY A 455 15.23 10.17 -0.24
CA GLY A 455 15.91 9.70 -1.44
C GLY A 455 16.32 8.24 -1.35
N THR A 456 16.54 7.64 -2.52
CA THR A 456 16.93 6.24 -2.61
C THR A 456 18.44 6.14 -2.72
N PRO A 457 19.14 5.43 -1.83
CA PRO A 457 20.58 5.23 -2.03
C PRO A 457 20.85 4.40 -3.27
N HIS A 458 21.99 4.69 -3.88
CA HIS A 458 22.55 3.89 -4.96
C HIS A 458 23.75 3.13 -4.43
N VAL A 459 23.76 1.82 -4.63
CA VAL A 459 24.86 0.97 -4.16
C VAL A 459 25.49 0.29 -5.37
N SER A 460 26.79 0.48 -5.55
CA SER A 460 27.50 -0.04 -6.70
CA SER A 460 27.51 -0.04 -6.70
C SER A 460 28.70 -0.87 -6.24
N PHE A 461 29.18 -1.73 -7.14
CA PHE A 461 30.18 -2.74 -6.79
C PHE A 461 31.32 -2.81 -7.80
N LYS A 462 32.48 -3.21 -7.30
CA LYS A 462 33.60 -3.65 -8.12
C LYS A 462 34.17 -4.91 -7.48
N TYR A 463 34.72 -5.80 -8.29
CA TYR A 463 35.19 -7.09 -7.80
C TYR A 463 36.63 -7.34 -8.19
N ASN A 464 37.27 -8.18 -7.40
CA ASN A 464 38.64 -8.59 -7.68
CA ASN A 464 38.64 -8.61 -7.69
C ASN A 464 38.84 -10.01 -7.16
N TYR A 465 39.48 -10.84 -7.97
CA TYR A 465 39.78 -12.21 -7.59
C TYR A 465 41.23 -12.50 -7.91
N ASP A 466 41.94 -13.06 -6.94
CA ASP A 466 43.31 -13.53 -7.13
CA ASP A 466 43.30 -13.53 -7.14
C ASP A 466 43.27 -15.05 -7.09
N ALA A 467 43.55 -15.68 -8.23
CA ALA A 467 43.48 -17.13 -8.32
C ALA A 467 44.57 -17.79 -7.50
N GLU A 468 45.74 -17.16 -7.38
CA GLU A 468 46.83 -17.75 -6.61
C GLU A 468 46.52 -17.70 -5.12
N LYS A 469 46.01 -16.56 -4.64
CA LYS A 469 45.72 -16.41 -3.22
C LYS A 469 44.38 -16.98 -2.80
N LYS A 470 43.54 -17.40 -3.76
CA LYS A 470 42.17 -17.83 -3.47
C LYS A 470 41.43 -16.76 -2.65
N GLN A 471 41.60 -15.50 -3.05
CA GLN A 471 41.09 -14.36 -2.31
C GLN A 471 40.18 -13.51 -3.20
N TYR A 472 38.97 -13.28 -2.74
CA TYR A 472 37.95 -12.53 -3.48
C TYR A 472 37.59 -11.29 -2.69
N SER A 473 37.40 -10.17 -3.39
CA SER A 473 37.04 -8.91 -2.75
CA SER A 473 37.00 -8.95 -2.72
C SER A 473 35.82 -8.31 -3.44
N ILE A 474 34.93 -7.74 -2.64
CA ILE A 474 33.77 -6.99 -3.10
C ILE A 474 33.97 -5.57 -2.60
N HIS A 475 34.21 -4.64 -3.51
CA HIS A 475 34.32 -3.22 -3.17
CA HIS A 475 34.30 -3.23 -3.13
C HIS A 475 32.96 -2.57 -3.38
N VAL A 476 32.43 -1.91 -2.37
CA VAL A 476 31.07 -1.40 -2.37
CA VAL A 476 31.07 -1.39 -2.41
C VAL A 476 31.08 0.10 -2.10
N ASN A 477 30.23 0.83 -2.81
CA ASN A 477 30.08 2.27 -2.63
CA ASN A 477 30.07 2.26 -2.60
C ASN A 477 28.59 2.59 -2.51
N GLN A 478 28.24 3.56 -1.65
CA GLN A 478 26.89 4.06 -1.55
C GLN A 478 26.87 5.57 -1.77
N TYR A 479 25.76 6.03 -2.35
CA TYR A 479 25.58 7.43 -2.68
C TYR A 479 24.09 7.72 -2.70
N THR A 480 23.67 8.80 -2.05
CA THR A 480 22.31 9.29 -2.19
C THR A 480 22.38 10.66 -2.83
N LYS A 481 21.58 10.87 -3.88
CA LYS A 481 21.61 12.16 -4.58
CA LYS A 481 21.60 12.15 -4.58
C LYS A 481 21.06 13.25 -3.68
N PRO A 482 21.71 14.42 -3.63
CA PRO A 482 21.14 15.53 -2.87
C PRO A 482 19.77 15.92 -3.41
N ASP A 483 18.92 16.45 -2.54
CA ASP A 483 17.57 16.85 -2.92
C ASP A 483 17.15 18.04 -2.08
N GLU A 484 15.84 18.34 -2.05
CA GLU A 484 15.37 19.51 -1.31
C GLU A 484 15.45 19.33 0.20
N ASN A 485 15.54 18.10 0.69
CA ASN A 485 15.52 17.85 2.13
C ASN A 485 16.91 17.81 2.75
N GLN A 486 17.93 17.37 2.02
CA GLN A 486 19.31 17.38 2.50
C GLN A 486 20.23 17.74 1.35
N LYS A 487 21.00 18.82 1.52
CA LYS A 487 22.00 19.19 0.53
C LYS A 487 23.18 18.23 0.56
N GLU A 488 23.52 17.73 1.74
CA GLU A 488 24.58 16.74 1.92
C GLU A 488 23.94 15.50 2.49
N LYS A 489 24.14 14.37 1.81
CA LYS A 489 23.56 13.12 2.27
C LYS A 489 24.65 12.32 2.99
N LYS A 490 24.29 11.74 4.08
CA LYS A 490 25.24 10.98 4.87
C LYS A 490 25.14 9.50 4.53
N PRO A 491 26.22 8.75 4.70
CA PRO A 491 26.15 7.29 4.47
C PRO A 491 25.22 6.64 5.49
N LEU A 492 24.49 5.63 5.03
CA LEU A 492 23.52 4.89 5.83
C LEU A 492 24.12 3.57 6.26
N PHE A 493 23.48 2.95 7.25
CA PHE A 493 23.78 1.58 7.66
C PHE A 493 23.02 0.67 6.70
N ILE A 494 23.73 0.08 5.74
CA ILE A 494 23.10 -0.70 4.67
C ILE A 494 23.49 -2.17 4.85
N PRO A 495 22.55 -3.06 5.19
CA PRO A 495 22.88 -4.50 5.27
C PRO A 495 22.78 -5.15 3.90
N ILE A 496 23.84 -5.82 3.47
CA ILE A 496 23.91 -6.43 2.15
C ILE A 496 23.98 -7.93 2.34
N SER A 497 22.84 -8.61 2.21
CA SER A 497 22.85 -10.06 2.29
CA SER A 497 22.82 -10.07 2.28
C SER A 497 23.46 -10.63 1.00
N VAL A 498 24.47 -11.48 1.15
CA VAL A 498 25.25 -11.92 0.00
CA VAL A 498 25.28 -11.90 0.01
C VAL A 498 25.46 -13.42 0.02
N GLY A 499 25.53 -13.98 -1.20
CA GLY A 499 26.07 -15.31 -1.40
C GLY A 499 27.12 -15.23 -2.51
N LEU A 500 27.91 -16.30 -2.61
CA LEU A 500 28.92 -16.40 -3.67
C LEU A 500 28.66 -17.71 -4.40
N ILE A 501 28.32 -17.63 -5.68
CA ILE A 501 27.96 -18.81 -6.46
C ILE A 501 29.17 -19.29 -7.26
N ASN A 502 29.47 -20.58 -7.15
CA ASN A 502 30.49 -21.21 -7.97
C ASN A 502 29.92 -21.36 -9.39
N PRO A 503 30.50 -20.71 -10.39
CA PRO A 503 29.89 -20.76 -11.74
C PRO A 503 29.99 -22.12 -12.40
N GLU A 504 30.81 -23.02 -11.90
CA GLU A 504 30.95 -24.31 -12.55
C GLU A 504 29.88 -25.31 -12.13
N ASN A 505 29.40 -25.21 -10.89
CA ASN A 505 28.39 -26.15 -10.41
C ASN A 505 27.16 -25.48 -9.80
N GLY A 506 27.13 -24.15 -9.71
CA GLY A 506 26.00 -23.45 -9.16
C GLY A 506 25.86 -23.51 -7.66
N LYS A 507 26.87 -23.97 -6.95
CA LYS A 507 26.72 -24.19 -5.51
C LYS A 507 27.16 -22.97 -4.70
N GLU A 508 26.68 -22.93 -3.47
CA GLU A 508 27.04 -21.87 -2.54
C GLU A 508 28.50 -22.05 -2.10
N MET A 509 29.24 -20.94 -2.07
CA MET A 509 30.65 -21.01 -1.69
C MET A 509 30.91 -20.51 -0.28
N ILE A 510 29.99 -19.75 0.32
CA ILE A 510 30.12 -19.31 1.71
C ILE A 510 28.78 -19.50 2.41
N SER A 511 28.82 -19.47 3.75
CA SER A 511 27.60 -19.52 4.54
CA SER A 511 27.59 -19.53 4.51
C SER A 511 26.87 -18.19 4.46
N GLN A 512 25.66 -18.18 5.03
CA GLN A 512 24.84 -16.96 5.07
C GLN A 512 25.66 -15.82 5.64
N THR A 513 25.67 -14.69 4.91
CA THR A 513 26.52 -13.56 5.25
C THR A 513 25.79 -12.26 4.96
N THR A 514 25.77 -11.35 5.93
CA THR A 514 25.17 -10.03 5.76
C THR A 514 26.26 -9.01 5.99
N LEU A 515 26.72 -8.39 4.90
CA LEU A 515 27.73 -7.33 5.00
C LEU A 515 27.10 -6.08 5.58
N GLU A 516 27.76 -5.47 6.56
CA GLU A 516 27.26 -4.25 7.19
C GLU A 516 28.05 -3.09 6.63
N LEU A 517 27.51 -2.43 5.60
CA LEU A 517 28.16 -1.27 5.01
C LEU A 517 27.72 -0.04 5.80
N THR A 518 28.67 0.60 6.48
CA THR A 518 28.35 1.77 7.29
C THR A 518 29.08 3.02 6.84
N LYS A 519 29.92 2.91 5.82
CA LYS A 519 30.72 4.03 5.33
C LYS A 519 30.29 4.32 3.89
N GLU A 520 30.79 5.43 3.35
CA GLU A 520 30.52 5.72 1.94
C GLU A 520 31.04 4.61 1.05
N SER A 521 32.13 3.95 1.45
CA SER A 521 32.63 2.80 0.70
C SER A 521 33.39 1.88 1.64
N ASP A 522 33.44 0.60 1.27
CA ASP A 522 34.20 -0.39 2.02
C ASP A 522 34.56 -1.52 1.07
N THR A 523 35.62 -2.27 1.42
CA THR A 523 36.03 -3.46 0.69
C THR A 523 35.90 -4.66 1.62
N PHE A 524 35.11 -5.64 1.20
CA PHE A 524 34.89 -6.87 1.95
C PHE A 524 35.67 -7.99 1.27
N VAL A 525 36.59 -8.62 2.02
CA VAL A 525 37.50 -9.62 1.49
C VAL A 525 37.13 -10.99 2.05
N PHE A 526 37.23 -12.00 1.19
CA PHE A 526 36.94 -13.39 1.54
C PHE A 526 38.12 -14.25 1.16
N ASN A 527 38.61 -15.02 2.12
CA ASN A 527 39.71 -15.94 1.86
C ASN A 527 39.17 -17.33 1.55
N ASN A 528 40.06 -18.18 1.06
CA ASN A 528 39.75 -19.58 0.75
C ASN A 528 38.56 -19.69 -0.20
N ILE A 529 38.60 -18.89 -1.26
CA ILE A 529 37.60 -18.91 -2.32
C ILE A 529 38.26 -19.57 -3.52
N ALA A 530 37.88 -20.83 -3.78
CA ALA A 530 38.70 -21.71 -4.61
C ALA A 530 38.65 -21.35 -6.09
N VAL A 531 37.59 -20.66 -6.52
CA VAL A 531 37.40 -20.26 -7.90
CA VAL A 531 37.38 -20.29 -7.91
C VAL A 531 36.71 -18.91 -7.90
N LYS A 532 36.87 -18.17 -8.99
CA LYS A 532 36.23 -16.85 -9.07
C LYS A 532 34.71 -17.02 -9.03
N PRO A 533 34.02 -16.45 -8.07
CA PRO A 533 32.58 -16.64 -7.94
C PRO A 533 31.82 -15.62 -8.77
N ILE A 534 30.52 -15.85 -8.86
CA ILE A 534 29.58 -14.80 -9.26
C ILE A 534 28.85 -14.37 -7.99
N PRO A 535 28.92 -13.11 -7.61
CA PRO A 535 28.27 -12.69 -6.37
C PRO A 535 26.76 -12.58 -6.53
N SER A 536 26.05 -13.03 -5.49
CA SER A 536 24.60 -12.92 -5.37
C SER A 536 24.32 -11.84 -4.33
N LEU A 537 23.94 -10.65 -4.79
CA LEU A 537 23.96 -9.44 -3.97
C LEU A 537 22.57 -8.96 -3.59
N PHE A 538 22.43 -8.55 -2.33
CA PHE A 538 21.17 -8.05 -1.78
C PHE A 538 20.09 -9.13 -1.81
N ARG A 539 20.46 -10.34 -1.39
CA ARG A 539 19.50 -11.44 -1.35
C ARG A 539 18.27 -11.04 -0.56
N GLY A 540 17.11 -11.41 -1.09
CA GLY A 540 15.82 -11.04 -0.54
C GLY A 540 15.51 -9.57 -0.64
N PHE A 541 16.28 -8.81 -1.43
CA PHE A 541 16.25 -7.34 -1.49
C PHE A 541 16.48 -6.74 -0.10
N SER A 542 17.74 -6.85 0.34
CA SER A 542 18.02 -6.65 1.76
C SER A 542 18.13 -5.18 2.17
N ALA A 543 18.06 -4.23 1.24
CA ALA A 543 17.98 -2.83 1.60
C ALA A 543 17.27 -2.10 0.48
N PRO A 544 16.54 -1.01 0.77
CA PRO A 544 15.73 -0.34 -0.27
C PRO A 544 16.59 0.65 -1.05
N VAL A 545 17.31 0.10 -2.03
CA VAL A 545 18.35 0.84 -2.75
C VAL A 545 18.28 0.51 -4.24
N TYR A 546 18.89 1.38 -5.04
CA TYR A 546 19.22 1.08 -6.41
C TYR A 546 20.48 0.23 -6.44
N ILE A 547 20.38 -0.99 -6.95
CA ILE A 547 21.50 -1.92 -7.00
C ILE A 547 22.15 -1.81 -8.36
N GLU A 548 23.45 -1.55 -8.38
CA GLU A 548 24.23 -1.52 -9.61
C GLU A 548 25.22 -2.66 -9.49
N ASP A 549 24.85 -3.84 -10.02
CA ASP A 549 25.62 -5.07 -9.77
C ASP A 549 26.91 -5.17 -10.58
N GLN A 550 27.06 -4.39 -11.64
CA GLN A 550 28.28 -4.39 -12.46
C GLN A 550 28.64 -5.79 -12.96
N LEU A 551 27.62 -6.62 -13.19
CA LEU A 551 27.82 -7.95 -13.73
C LEU A 551 27.56 -7.93 -15.24
N THR A 552 28.20 -8.85 -15.94
CA THR A 552 27.90 -9.03 -17.36
C THR A 552 26.58 -9.76 -17.50
N ASP A 553 26.00 -9.69 -18.71
CA ASP A 553 24.77 -10.43 -18.93
C ASP A 553 24.99 -11.93 -18.81
N GLU A 554 26.18 -12.43 -19.18
CA GLU A 554 26.49 -13.83 -18.97
C GLU A 554 26.45 -14.20 -17.49
N GLU A 555 27.02 -13.34 -16.63
CA GLU A 555 26.96 -13.62 -15.19
C GLU A 555 25.54 -13.56 -14.68
N ARG A 556 24.75 -12.58 -15.16
CA ARG A 556 23.37 -12.45 -14.74
C ARG A 556 22.54 -13.65 -15.16
N ILE A 557 22.81 -14.18 -16.37
CA ILE A 557 22.11 -15.38 -16.83
C ILE A 557 22.40 -16.56 -15.92
N LEU A 558 23.67 -16.73 -15.53
CA LEU A 558 24.03 -17.82 -14.62
C LEU A 558 23.26 -17.70 -13.31
N LEU A 559 23.16 -16.49 -12.75
CA LEU A 559 22.39 -16.32 -11.53
C LEU A 559 20.92 -16.62 -11.76
N LEU A 560 20.37 -16.08 -12.85
CA LEU A 560 18.98 -16.33 -13.19
C LEU A 560 18.67 -17.83 -13.23
N LYS A 561 19.60 -18.62 -13.78
CA LYS A 561 19.36 -20.06 -13.88
C LYS A 561 19.62 -20.79 -12.57
N TYR A 562 20.68 -20.41 -11.85
CA TYR A 562 21.27 -21.29 -10.85
C TYR A 562 21.36 -20.73 -9.44
N ASP A 563 21.13 -19.45 -9.21
CA ASP A 563 21.21 -18.90 -7.86
C ASP A 563 20.09 -19.48 -6.99
N SER A 564 20.31 -19.42 -5.66
CA SER A 564 19.34 -19.93 -4.70
C SER A 564 18.34 -18.88 -4.26
N ASP A 565 18.59 -17.61 -4.51
CA ASP A 565 17.74 -16.54 -3.99
C ASP A 565 16.79 -16.02 -5.07
N ALA A 566 15.48 -16.11 -4.79
CA ALA A 566 14.48 -15.68 -5.76
C ALA A 566 14.66 -14.22 -6.18
N PHE A 567 14.88 -13.32 -5.21
CA PHE A 567 15.05 -11.93 -5.60
C PHE A 567 16.26 -11.73 -6.52
N VAL A 568 17.42 -12.29 -6.17
CA VAL A 568 18.58 -12.05 -7.03
C VAL A 568 18.36 -12.61 -8.43
N ARG A 569 17.68 -13.76 -8.54
CA ARG A 569 17.34 -14.28 -9.87
C ARG A 569 16.46 -13.30 -10.64
N TYR A 570 15.37 -12.87 -9.98
CA TYR A 570 14.45 -11.88 -10.55
CA TYR A 570 14.47 -11.90 -10.58
C TYR A 570 15.17 -10.58 -10.89
N ASN A 571 16.06 -10.12 -10.00
CA ASN A 571 16.77 -8.87 -10.24
C ASN A 571 17.77 -9.02 -11.38
N SER A 572 18.42 -10.18 -11.49
CA SER A 572 19.37 -10.37 -12.58
C SER A 572 18.64 -10.31 -13.92
N CYS A 573 17.45 -10.92 -13.99
CA CYS A 573 16.60 -10.81 -15.17
C CYS A 573 16.21 -9.36 -15.42
N THR A 574 15.76 -8.66 -14.37
CA THR A 574 15.40 -7.25 -14.48
C THR A 574 16.54 -6.44 -15.07
N ASN A 575 17.77 -6.70 -14.60
CA ASN A 575 18.92 -5.92 -15.04
C ASN A 575 19.27 -6.21 -16.50
N ILE A 576 19.12 -7.47 -16.94
CA ILE A 576 19.31 -7.79 -18.36
C ILE A 576 18.30 -7.02 -19.20
N TYR A 577 17.02 -7.05 -18.80
CA TYR A 577 16.00 -6.29 -19.51
C TYR A 577 16.33 -4.81 -19.54
N MET A 578 16.74 -4.25 -18.39
CA MET A 578 17.02 -2.81 -18.35
C MET A 578 18.15 -2.43 -19.29
N LYS A 579 19.22 -3.22 -19.35
CA LYS A 579 20.31 -2.89 -20.26
C LYS A 579 19.81 -2.89 -21.71
N GLN A 580 18.95 -3.85 -22.05
CA GLN A 580 18.37 -3.91 -23.38
C GLN A 580 17.45 -2.74 -23.64
N ILE A 581 16.58 -2.41 -22.67
CA ILE A 581 15.62 -1.33 -22.85
C ILE A 581 16.36 -0.01 -23.08
N LEU A 582 17.37 0.27 -22.26
CA LEU A 582 18.07 1.55 -22.40
C LEU A 582 18.79 1.65 -23.74
N MET A 583 19.38 0.54 -24.20
CA MET A 583 20.07 0.54 -25.49
CA MET A 583 20.07 0.52 -25.49
C MET A 583 19.09 0.77 -26.64
N ASN A 584 18.01 -0.02 -26.67
CA ASN A 584 17.04 0.15 -27.77
C ASN A 584 16.32 1.49 -27.69
N TYR A 585 16.02 1.95 -26.48
CA TYR A 585 15.41 3.27 -26.33
C TYR A 585 16.28 4.34 -26.98
N ASN A 586 17.58 4.31 -26.72
CA ASN A 586 18.44 5.33 -27.30
CA ASN A 586 18.48 5.30 -27.29
C ASN A 586 18.54 5.18 -28.81
N GLU A 587 18.51 3.94 -29.32
CA GLU A 587 18.55 3.72 -30.76
C GLU A 587 17.31 4.29 -31.45
N PHE A 588 16.13 4.00 -30.88
CA PHE A 588 14.88 4.56 -31.42
C PHE A 588 14.87 6.08 -31.28
N LEU A 589 15.34 6.60 -30.14
CA LEU A 589 15.33 8.03 -29.92
C LEU A 589 16.20 8.76 -30.95
N LYS A 590 17.39 8.22 -31.21
CA LYS A 590 18.27 8.83 -32.21
CA LYS A 590 18.27 8.83 -32.21
C LYS A 590 17.63 8.80 -33.59
N ALA A 591 16.98 7.69 -33.93
CA ALA A 591 16.33 7.59 -35.24
C ALA A 591 15.21 8.61 -35.38
N LYS A 592 14.47 8.84 -34.29
CA LYS A 592 13.42 9.86 -34.29
C LYS A 592 14.02 11.26 -34.39
N ASN A 593 15.01 11.57 -33.56
CA ASN A 593 15.57 12.91 -33.53
C ASN A 593 16.26 13.26 -34.84
N GLU A 594 17.02 12.32 -35.40
CA GLU A 594 17.73 12.56 -36.64
C GLU A 594 16.89 12.28 -37.89
N LYS A 595 15.63 11.90 -37.72
CA LYS A 595 14.74 11.60 -38.84
C LYS A 595 15.37 10.63 -39.83
N LEU A 596 15.90 9.53 -39.28
CA LEU A 596 16.65 8.58 -40.09
C LEU A 596 15.70 7.78 -40.98
N GLU A 597 16.14 7.53 -42.21
CA GLU A 597 15.37 6.69 -43.13
C GLU A 597 15.63 5.21 -42.90
N SER A 598 16.78 4.86 -42.29
CA SER A 598 17.09 3.50 -41.92
C SER A 598 18.02 3.55 -40.71
N PHE A 599 18.00 2.48 -39.91
CA PHE A 599 18.85 2.41 -38.72
C PHE A 599 18.81 0.98 -38.22
N GLN A 600 19.69 0.68 -37.26
CA GLN A 600 19.77 -0.64 -36.68
C GLN A 600 19.35 -0.64 -35.22
N LEU A 601 18.76 -1.76 -34.79
CA LEU A 601 18.44 -2.02 -33.39
C LEU A 601 19.27 -3.20 -32.92
N THR A 602 19.79 -3.11 -31.71
CA THR A 602 20.55 -4.21 -31.13
C THR A 602 19.60 -5.32 -30.71
N PRO A 603 19.76 -6.54 -31.17
CA PRO A 603 18.82 -7.61 -30.79
C PRO A 603 18.94 -8.00 -29.33
N VAL A 604 17.86 -8.61 -28.84
CA VAL A 604 17.88 -9.21 -27.50
C VAL A 604 18.91 -10.34 -27.47
N ASN A 605 19.62 -10.44 -26.34
CA ASN A 605 20.67 -11.44 -26.15
C ASN A 605 20.06 -12.84 -26.31
N ALA A 606 20.63 -13.63 -27.24
CA ALA A 606 20.03 -14.93 -27.54
C ALA A 606 20.21 -15.91 -26.38
N GLN A 607 21.31 -15.78 -25.62
CA GLN A 607 21.50 -16.66 -24.47
C GLN A 607 20.49 -16.33 -23.36
N PHE A 608 20.11 -15.06 -23.24
CA PHE A 608 19.04 -14.68 -22.31
C PHE A 608 17.72 -15.32 -22.71
N ILE A 609 17.38 -15.28 -24.01
CA ILE A 609 16.15 -15.91 -24.46
C ILE A 609 16.20 -17.42 -24.20
N ASP A 610 17.34 -18.05 -24.46
CA ASP A 610 17.51 -19.47 -24.16
C ASP A 610 17.31 -19.74 -22.67
N ALA A 611 17.77 -18.83 -21.81
CA ALA A 611 17.60 -19.02 -20.37
C ALA A 611 16.14 -18.93 -19.96
N ILE A 612 15.39 -17.97 -20.54
CA ILE A 612 13.95 -17.91 -20.29
C ILE A 612 13.30 -19.23 -20.69
N LYS A 613 13.64 -19.74 -21.88
CA LYS A 613 13.05 -21.00 -22.34
C LYS A 613 13.37 -22.13 -21.37
N TYR A 614 14.62 -22.18 -20.92
CA TYR A 614 15.06 -23.24 -19.98
C TYR A 614 14.22 -23.22 -18.72
N LEU A 615 14.00 -22.03 -18.14
CA LEU A 615 13.21 -21.94 -16.92
C LEU A 615 11.74 -22.26 -17.19
N LEU A 616 11.20 -21.75 -18.29
CA LEU A 616 9.79 -22.02 -18.60
C LEU A 616 9.53 -23.51 -18.75
N GLU A 617 10.46 -24.23 -19.36
CA GLU A 617 10.29 -25.65 -19.62
C GLU A 617 10.64 -26.53 -18.43
N ASP A 618 11.08 -25.94 -17.33
CA ASP A 618 11.42 -26.73 -16.15
C ASP A 618 10.15 -26.97 -15.35
N PRO A 619 9.65 -28.22 -15.30
CA PRO A 619 8.39 -28.47 -14.59
C PRO A 619 8.50 -28.30 -13.09
N HIS A 620 9.72 -28.27 -12.54
CA HIS A 620 9.91 -28.07 -11.12
C HIS A 620 10.02 -26.60 -10.75
N ALA A 621 10.06 -25.71 -11.73
CA ALA A 621 10.18 -24.29 -11.45
C ALA A 621 8.81 -23.67 -11.16
N ASP A 622 8.84 -22.53 -10.48
CA ASP A 622 7.63 -21.93 -9.92
C ASP A 622 6.87 -21.11 -10.97
N ALA A 623 5.56 -21.33 -11.06
CA ALA A 623 4.75 -20.66 -12.09
C ALA A 623 4.70 -19.15 -11.88
N GLY A 624 4.62 -18.70 -10.63
CA GLY A 624 4.62 -17.27 -10.38
C GLY A 624 5.92 -16.61 -10.80
N PHE A 625 7.04 -17.23 -10.46
CA PHE A 625 8.34 -16.72 -10.89
C PHE A 625 8.42 -16.67 -12.42
N LYS A 626 7.93 -17.71 -13.09
CA LYS A 626 7.92 -17.72 -14.55
C LYS A 626 7.17 -16.51 -15.12
N SER A 627 6.06 -16.14 -14.50
CA SER A 627 5.31 -15.00 -15.03
CA SER A 627 5.31 -15.00 -15.03
C SER A 627 6.11 -13.71 -14.93
N TYR A 628 6.99 -13.60 -13.93
CA TYR A 628 7.81 -12.40 -13.83
C TYR A 628 8.87 -12.37 -14.92
N ILE A 629 9.46 -13.52 -15.27
CA ILE A 629 10.60 -13.48 -16.19
C ILE A 629 10.18 -13.15 -17.61
N VAL A 630 8.94 -13.45 -17.99
CA VAL A 630 8.45 -13.13 -19.33
C VAL A 630 7.87 -11.73 -19.41
N SER A 631 7.90 -10.97 -18.32
CA SER A 631 7.35 -9.62 -18.27
C SER A 631 8.48 -8.62 -18.18
N LEU A 632 8.43 -7.59 -19.02
CA LEU A 632 9.40 -6.52 -18.88
C LEU A 632 9.16 -5.75 -17.58
N PRO A 633 10.20 -5.09 -17.08
CA PRO A 633 10.02 -4.25 -15.88
C PRO A 633 8.92 -3.22 -16.09
N GLN A 634 8.26 -2.87 -14.99
CA GLN A 634 7.20 -1.87 -14.99
C GLN A 634 7.68 -0.55 -15.58
N ASP A 635 6.79 0.12 -16.33
CA ASP A 635 7.11 1.44 -16.86
C ASP A 635 7.61 2.39 -15.78
N ARG A 636 6.98 2.36 -14.59
CA ARG A 636 7.37 3.27 -13.52
C ARG A 636 8.72 2.91 -12.92
N TYR A 637 9.18 1.67 -13.07
CA TYR A 637 10.54 1.33 -12.73
C TYR A 637 11.51 1.86 -13.78
N ILE A 638 11.19 1.62 -15.06
CA ILE A 638 12.05 2.06 -16.16
C ILE A 638 12.30 3.57 -16.10
N ILE A 639 11.25 4.35 -15.79
CA ILE A 639 11.36 5.80 -15.89
C ILE A 639 12.39 6.38 -14.93
N ASN A 640 12.70 5.67 -13.84
CA ASN A 640 13.73 6.19 -12.95
C ASN A 640 15.12 6.19 -13.58
N PHE A 641 15.29 5.56 -14.74
CA PHE A 641 16.58 5.42 -15.37
C PHE A 641 16.74 6.25 -16.64
N VAL A 642 15.74 7.02 -17.05
CA VAL A 642 15.78 7.76 -18.31
C VAL A 642 15.41 9.21 -18.03
N SER A 643 16.26 10.13 -18.50
CA SER A 643 15.91 11.55 -18.47
C SER A 643 15.05 11.91 -19.67
N ASN A 644 14.11 12.81 -19.47
CA ASN A 644 13.30 13.33 -20.58
C ASN A 644 12.64 12.19 -21.36
N LEU A 645 12.03 11.26 -20.62
CA LEU A 645 11.53 10.03 -21.22
C LEU A 645 10.42 10.32 -22.23
N ASP A 646 10.65 9.94 -23.49
CA ASP A 646 9.65 10.02 -24.54
C ASP A 646 8.83 8.74 -24.46
N THR A 647 7.57 8.86 -24.04
CA THR A 647 6.76 7.68 -23.78
C THR A 647 6.46 6.88 -25.04
N ASP A 648 6.38 7.56 -26.20
CA ASP A 648 6.16 6.85 -27.46
CA ASP A 648 6.16 6.84 -27.45
C ASP A 648 7.38 6.01 -27.82
N VAL A 649 8.58 6.57 -27.63
CA VAL A 649 9.79 5.83 -27.90
C VAL A 649 9.91 4.64 -26.95
N LEU A 650 9.53 4.83 -25.68
CA LEU A 650 9.54 3.70 -24.75
C LEU A 650 8.54 2.63 -25.19
N ALA A 651 7.35 3.03 -25.63
CA ALA A 651 6.38 2.05 -26.11
C ALA A 651 6.92 1.27 -27.30
N ASP A 652 7.59 1.96 -28.22
CA ASP A 652 8.19 1.25 -29.36
C ASP A 652 9.30 0.32 -28.90
N THR A 653 10.07 0.74 -27.89
CA THR A 653 11.14 -0.09 -27.36
C THR A 653 10.60 -1.38 -26.76
N LYS A 654 9.59 -1.27 -25.90
CA LYS A 654 9.00 -2.46 -25.30
C LYS A 654 8.43 -3.37 -26.38
N GLU A 655 7.76 -2.79 -27.38
CA GLU A 655 7.17 -3.60 -28.44
CA GLU A 655 7.17 -3.60 -28.44
C GLU A 655 8.23 -4.39 -29.18
N TYR A 656 9.36 -3.76 -29.52
CA TYR A 656 10.45 -4.46 -30.19
C TYR A 656 10.96 -5.63 -29.34
N ILE A 657 11.20 -5.39 -28.05
CA ILE A 657 11.78 -6.41 -27.19
C ILE A 657 10.80 -7.58 -27.03
N TYR A 658 9.53 -7.27 -26.76
CA TYR A 658 8.54 -8.35 -26.67
C TYR A 658 8.44 -9.14 -27.97
N LYS A 659 8.51 -8.46 -29.13
CA LYS A 659 8.41 -9.17 -30.40
C LYS A 659 9.63 -10.05 -30.65
N GLN A 660 10.82 -9.55 -30.30
CA GLN A 660 12.04 -10.34 -30.41
C GLN A 660 11.93 -11.64 -29.63
N ILE A 661 11.47 -11.55 -28.39
CA ILE A 661 11.40 -12.75 -27.54
C ILE A 661 10.27 -13.66 -28.02
N GLY A 662 9.10 -13.08 -28.32
CA GLY A 662 7.99 -13.88 -28.82
C GLY A 662 8.32 -14.59 -30.13
N ASP A 663 9.06 -13.93 -31.02
CA ASP A 663 9.44 -14.58 -32.28
C ASP A 663 10.21 -15.88 -32.04
N LYS A 664 10.89 -15.99 -30.91
CA LYS A 664 11.59 -17.23 -30.55
C LYS A 664 10.78 -18.15 -29.67
N LEU A 665 9.97 -17.61 -28.75
CA LEU A 665 9.38 -18.44 -27.69
C LEU A 665 7.88 -18.66 -27.83
N ASN A 666 7.19 -18.07 -28.81
CA ASN A 666 5.73 -18.16 -28.83
C ASN A 666 5.23 -19.61 -28.82
N ASP A 667 5.91 -20.51 -29.53
CA ASP A 667 5.48 -21.90 -29.52
C ASP A 667 5.61 -22.52 -28.13
N VAL A 668 6.68 -22.16 -27.41
CA VAL A 668 6.82 -22.57 -26.00
C VAL A 668 5.67 -22.00 -25.17
N TYR A 669 5.39 -20.71 -25.34
CA TYR A 669 4.30 -20.08 -24.60
C TYR A 669 2.98 -20.80 -24.83
N TYR A 670 2.69 -21.14 -26.08
CA TYR A 670 1.42 -21.78 -26.39
C TYR A 670 1.35 -23.18 -25.79
N LYS A 671 2.42 -23.95 -25.93
CA LYS A 671 2.46 -25.29 -25.33
C LYS A 671 2.21 -25.22 -23.83
N MET A 672 2.79 -24.22 -23.15
CA MET A 672 2.59 -24.08 -21.72
C MET A 672 1.19 -23.62 -21.38
N PHE A 673 0.68 -22.65 -22.15
CA PHE A 673 -0.71 -22.24 -21.94
C PHE A 673 -1.63 -23.45 -21.95
N LYS A 674 -1.43 -24.37 -22.88
CA LYS A 674 -2.30 -25.53 -22.96
C LYS A 674 -2.01 -26.52 -21.83
N SER A 675 -0.73 -26.76 -21.52
CA SER A 675 -0.43 -27.81 -20.55
C SER A 675 -0.75 -27.40 -19.12
N LEU A 676 -0.79 -26.10 -18.84
CA LEU A 676 -1.11 -25.62 -17.51
C LEU A 676 -2.60 -25.65 -17.21
N GLU A 677 -3.45 -25.87 -18.21
CA GLU A 677 -4.90 -25.68 -18.04
CA GLU A 677 -4.90 -25.68 -18.04
C GLU A 677 -5.44 -26.57 -16.93
N ALA A 678 -5.10 -27.86 -16.95
CA ALA A 678 -5.72 -28.81 -16.03
C ALA A 678 -5.53 -28.38 -14.58
N LYS A 679 -4.29 -28.10 -14.18
CA LYS A 679 -4.05 -27.71 -12.79
C LYS A 679 -4.48 -26.29 -12.51
N ALA A 680 -4.27 -25.37 -13.46
CA ALA A 680 -4.57 -23.97 -13.20
C ALA A 680 -6.06 -23.76 -12.97
N ASP A 681 -6.91 -24.44 -13.73
CA ASP A 681 -8.33 -24.17 -13.73
C ASP A 681 -9.14 -25.23 -12.98
N ASP A 682 -8.47 -26.10 -12.23
CA ASP A 682 -9.14 -27.14 -11.45
C ASP A 682 -10.28 -26.55 -10.62
N LEU A 683 -11.47 -27.15 -10.75
CA LEU A 683 -12.67 -26.67 -10.08
C LEU A 683 -13.00 -27.46 -8.82
N THR A 684 -12.12 -28.38 -8.40
CA THR A 684 -12.43 -29.26 -7.28
C THR A 684 -12.93 -28.48 -6.07
N TYR A 685 -12.32 -27.33 -5.78
CA TYR A 685 -12.62 -26.55 -4.59
C TYR A 685 -13.34 -25.24 -4.90
N PHE A 686 -13.96 -25.13 -6.08
CA PHE A 686 -14.59 -23.88 -6.48
C PHE A 686 -15.66 -23.44 -5.49
N ASN A 687 -16.38 -24.39 -4.87
CA ASN A 687 -17.45 -24.06 -3.94
C ASN A 687 -17.02 -24.17 -2.48
N ASP A 688 -15.73 -24.18 -2.22
CA ASP A 688 -15.18 -24.15 -0.86
C ASP A 688 -14.44 -22.83 -0.70
N GLU A 689 -15.05 -21.88 0.03
CA GLU A 689 -14.42 -20.58 0.24
C GLU A 689 -13.28 -20.62 1.24
N SER A 690 -13.12 -21.73 1.98
CA SER A 690 -12.02 -21.83 2.92
C SER A 690 -10.73 -22.31 2.26
N HIS A 691 -10.81 -22.81 1.03
CA HIS A 691 -9.69 -23.49 0.38
C HIS A 691 -9.08 -22.55 -0.65
N VAL A 692 -7.92 -22.00 -0.34
CA VAL A 692 -7.28 -21.03 -1.22
C VAL A 692 -5.88 -21.53 -1.53
N ASP A 693 -5.57 -21.63 -2.82
CA ASP A 693 -4.34 -22.28 -3.29
C ASP A 693 -3.56 -21.23 -4.04
N PHE A 694 -2.56 -20.66 -3.36
CA PHE A 694 -1.77 -19.60 -3.97
C PHE A 694 -0.92 -20.09 -5.13
N ASP A 695 -0.46 -21.34 -5.10
CA ASP A 695 0.26 -21.89 -6.25
CA ASP A 695 0.27 -21.87 -6.26
C ASP A 695 -0.66 -21.97 -7.46
N GLN A 696 -1.89 -22.45 -7.26
CA GLN A 696 -2.82 -22.55 -8.37
C GLN A 696 -3.15 -21.18 -8.95
N MET A 697 -3.33 -20.18 -8.10
CA MET A 697 -3.56 -18.83 -8.62
C MET A 697 -2.37 -18.32 -9.41
N ASN A 698 -1.15 -18.68 -8.99
CA ASN A 698 0.03 -18.29 -9.78
C ASN A 698 0.06 -19.01 -11.11
N MET A 699 -0.45 -20.24 -11.17
CA MET A 699 -0.55 -20.91 -12.46
C MET A 699 -1.51 -20.17 -13.37
N ARG A 700 -2.61 -19.67 -12.81
CA ARG A 700 -3.53 -18.85 -13.61
C ARG A 700 -2.87 -17.55 -14.03
N THR A 701 -2.11 -16.91 -13.14
CA THR A 701 -1.38 -15.71 -13.53
C THR A 701 -0.46 -16.01 -14.71
N LEU A 702 0.26 -17.13 -14.66
CA LEU A 702 1.14 -17.48 -15.77
C LEU A 702 0.36 -17.70 -17.06
N ARG A 703 -0.74 -18.43 -17.00
CA ARG A 703 -1.54 -18.66 -18.20
C ARG A 703 -2.04 -17.35 -18.78
N ASN A 704 -2.52 -16.46 -17.91
CA ASN A 704 -3.09 -15.21 -18.38
C ASN A 704 -2.01 -14.28 -18.90
N THR A 705 -0.80 -14.35 -18.34
CA THR A 705 0.32 -13.59 -18.89
C THR A 705 0.71 -14.12 -20.27
N LEU A 706 0.82 -15.45 -20.40
CA LEU A 706 1.15 -16.04 -21.70
C LEU A 706 0.05 -15.73 -22.73
N LEU A 707 -1.22 -15.81 -22.32
CA LEU A 707 -2.29 -15.54 -23.26
C LEU A 707 -2.20 -14.11 -23.80
N SER A 708 -1.87 -13.15 -22.92
CA SER A 708 -1.68 -11.77 -23.35
C SER A 708 -0.56 -11.64 -24.38
N LEU A 709 0.58 -12.29 -24.10
CA LEU A 709 1.70 -12.25 -25.04
C LEU A 709 1.31 -12.87 -26.38
N LEU A 710 0.60 -14.00 -26.35
CA LEU A 710 0.22 -14.66 -27.60
C LEU A 710 -0.84 -13.87 -28.35
N SER A 711 -1.71 -13.16 -27.63
CA SER A 711 -2.74 -12.37 -28.28
CA SER A 711 -2.75 -12.38 -28.29
C SER A 711 -2.15 -11.15 -28.98
N LYS A 712 -1.29 -10.42 -28.28
CA LYS A 712 -0.61 -9.28 -28.90
C LYS A 712 0.17 -9.73 -30.13
N ALA A 713 0.74 -10.93 -30.09
CA ALA A 713 1.51 -11.45 -31.20
C ALA A 713 0.66 -11.95 -32.36
N GLN A 714 -0.67 -11.99 -32.20
CA GLN A 714 -1.54 -12.56 -33.22
C GLN A 714 -1.12 -13.98 -33.56
N TYR A 715 -0.76 -14.74 -32.53
CA TYR A 715 -0.41 -16.14 -32.70
C TYR A 715 -1.53 -16.86 -33.44
N PRO A 716 -1.21 -17.73 -34.39
CA PRO A 716 -2.26 -18.32 -35.23
C PRO A 716 -3.38 -18.97 -34.43
N ASN A 717 -4.62 -18.59 -34.75
CA ASN A 717 -5.85 -19.15 -34.19
C ASN A 717 -5.95 -18.96 -32.67
N ILE A 718 -5.19 -18.03 -32.09
CA ILE A 718 -5.29 -17.78 -30.67
C ILE A 718 -6.66 -17.27 -30.25
N LEU A 719 -7.41 -16.67 -31.18
CA LEU A 719 -8.75 -16.20 -30.83
C LEU A 719 -9.64 -17.36 -30.38
N ASN A 720 -9.40 -18.57 -30.90
CA ASN A 720 -10.13 -19.73 -30.42
C ASN A 720 -9.88 -19.95 -28.93
N GLU A 721 -8.63 -19.83 -28.51
CA GLU A 721 -8.31 -19.98 -27.08
CA GLU A 721 -8.32 -19.99 -27.09
C GLU A 721 -8.96 -18.87 -26.27
N ILE A 722 -8.98 -17.65 -26.81
CA ILE A 722 -9.57 -16.52 -26.09
C ILE A 722 -11.05 -16.76 -25.84
N ILE A 723 -11.76 -17.18 -26.89
CA ILE A 723 -13.20 -17.44 -26.77
C ILE A 723 -13.47 -18.54 -25.75
N GLU A 724 -12.68 -19.62 -25.78
CA GLU A 724 -12.88 -20.68 -24.81
C GLU A 724 -12.57 -20.20 -23.39
N HIS A 725 -11.54 -19.37 -23.25
CA HIS A 725 -11.19 -18.79 -21.95
C HIS A 725 -12.32 -17.95 -21.37
N SER A 726 -13.11 -17.29 -22.25
CA SER A 726 -14.20 -16.47 -21.77
C SER A 726 -15.31 -17.29 -21.13
N LYS A 727 -15.30 -18.61 -21.33
CA LYS A 727 -16.29 -19.50 -20.74
C LYS A 727 -15.84 -20.09 -19.40
N SER A 728 -14.64 -19.76 -18.94
CA SER A 728 -14.14 -20.28 -17.67
C SER A 728 -14.96 -19.71 -16.50
N PRO A 729 -15.16 -20.52 -15.45
CA PRO A 729 -15.87 -20.01 -14.27
C PRO A 729 -15.07 -18.99 -13.46
N TYR A 730 -13.76 -18.90 -13.67
CA TYR A 730 -12.93 -18.03 -12.83
C TYR A 730 -12.90 -16.61 -13.40
N PRO A 731 -13.33 -15.59 -12.64
CA PRO A 731 -13.27 -14.22 -13.16
C PRO A 731 -11.89 -13.78 -13.63
N SER A 732 -10.82 -14.27 -13.00
CA SER A 732 -9.48 -13.93 -13.49
C SER A 732 -9.32 -14.34 -14.94
N ASN A 733 -9.86 -15.50 -15.31
CA ASN A 733 -9.80 -15.93 -16.69
C ASN A 733 -10.76 -15.17 -17.59
N TRP A 734 -12.04 -15.08 -17.22
CA TRP A 734 -12.97 -14.46 -18.16
C TRP A 734 -12.74 -12.95 -18.31
N LEU A 735 -12.26 -12.27 -17.26
CA LEU A 735 -11.87 -10.87 -17.44
C LEU A 735 -10.61 -10.76 -18.29
N THR A 736 -9.65 -11.69 -18.11
CA THR A 736 -8.50 -11.71 -19.01
C THR A 736 -8.94 -11.87 -20.45
N SER A 737 -9.95 -12.71 -20.70
CA SER A 737 -10.40 -12.89 -22.08
C SER A 737 -10.86 -11.58 -22.69
N LEU A 738 -11.50 -10.72 -21.90
CA LEU A 738 -11.88 -9.40 -22.38
C LEU A 738 -10.65 -8.58 -22.76
N SER A 739 -9.69 -8.47 -21.84
CA SER A 739 -8.55 -7.60 -22.13
C SER A 739 -7.74 -8.10 -23.32
N VAL A 740 -7.47 -9.41 -23.40
CA VAL A 740 -6.68 -9.90 -24.53
C VAL A 740 -7.45 -9.87 -25.84
N SER A 741 -8.78 -9.84 -25.78
CA SER A 741 -9.57 -9.74 -27.01
C SER A 741 -9.49 -8.35 -27.64
N ALA A 742 -8.87 -7.39 -26.96
CA ALA A 742 -8.73 -6.04 -27.51
C ALA A 742 -8.09 -6.04 -28.89
N TYR A 743 -7.22 -7.02 -29.17
CA TYR A 743 -6.52 -7.14 -30.44
C TYR A 743 -7.34 -7.83 -31.53
N PHE A 744 -8.63 -8.09 -31.29
CA PHE A 744 -9.46 -8.84 -32.23
C PHE A 744 -10.81 -8.16 -32.40
N ASP A 745 -11.51 -8.55 -33.46
CA ASP A 745 -12.83 -7.97 -33.72
CA ASP A 745 -12.84 -8.00 -33.74
C ASP A 745 -13.91 -8.48 -32.77
N LYS A 746 -13.58 -9.39 -31.86
CA LYS A 746 -14.54 -9.90 -30.90
C LYS A 746 -14.59 -9.10 -29.61
N TYR A 747 -13.80 -8.02 -29.51
CA TYR A 747 -13.70 -7.26 -28.26
C TYR A 747 -15.06 -6.84 -27.73
N PHE A 748 -15.88 -6.19 -28.58
CA PHE A 748 -17.14 -5.68 -28.05
C PHE A 748 -18.14 -6.78 -27.74
N GLU A 749 -18.06 -7.91 -28.46
CA GLU A 749 -18.83 -9.08 -28.07
C GLU A 749 -18.44 -9.53 -26.66
N LEU A 750 -17.15 -9.60 -26.37
CA LEU A 750 -16.72 -10.01 -25.04
C LEU A 750 -16.99 -8.92 -24.01
N TYR A 751 -16.92 -7.65 -24.42
CA TYR A 751 -17.29 -6.54 -23.56
C TYR A 751 -18.71 -6.72 -23.03
N ASP A 752 -19.65 -7.02 -23.94
CA ASP A 752 -21.04 -7.21 -23.52
C ASP A 752 -21.22 -8.46 -22.68
N LYS A 753 -20.58 -9.57 -23.08
CA LYS A 753 -20.72 -10.81 -22.32
CA LYS A 753 -20.72 -10.81 -22.32
C LYS A 753 -20.23 -10.64 -20.89
N THR A 754 -19.03 -10.07 -20.72
CA THR A 754 -18.47 -9.94 -19.39
C THR A 754 -19.18 -8.86 -18.58
N TYR A 755 -19.71 -7.83 -19.25
CA TYR A 755 -20.54 -6.86 -18.53
C TYR A 755 -21.74 -7.56 -17.90
N LYS A 756 -22.43 -8.41 -18.67
CA LYS A 756 -23.60 -9.09 -18.13
CA LYS A 756 -23.61 -9.10 -18.13
C LYS A 756 -23.23 -10.02 -16.98
N LEU A 757 -22.03 -10.61 -17.01
CA LEU A 757 -21.57 -11.45 -15.92
C LEU A 757 -21.21 -10.63 -14.68
N SER A 758 -20.86 -9.36 -14.85
CA SER A 758 -20.34 -8.55 -13.76
C SER A 758 -21.36 -7.61 -13.13
N LYS A 759 -22.44 -7.28 -13.84
CA LYS A 759 -23.22 -6.10 -13.48
C LYS A 759 -23.98 -6.23 -12.17
N ASP A 760 -24.19 -7.46 -11.68
CA ASP A 760 -25.05 -7.66 -10.51
C ASP A 760 -24.27 -7.85 -9.22
N ASP A 761 -22.95 -7.71 -9.25
CA ASP A 761 -22.13 -7.71 -8.04
C ASP A 761 -21.30 -6.43 -8.08
N GLU A 762 -21.45 -5.61 -7.04
CA GLU A 762 -20.87 -4.27 -7.06
C GLU A 762 -19.35 -4.31 -7.23
N LEU A 763 -18.67 -5.25 -6.56
CA LEU A 763 -17.22 -5.32 -6.63
C LEU A 763 -16.75 -5.95 -7.94
N LEU A 764 -17.47 -6.96 -8.42
CA LEU A 764 -17.13 -7.54 -9.70
C LEU A 764 -17.27 -6.53 -10.82
N LEU A 765 -18.33 -5.71 -10.77
CA LEU A 765 -18.51 -4.66 -11.76
C LEU A 765 -17.34 -3.68 -11.74
N GLN A 766 -16.82 -3.37 -10.54
CA GLN A 766 -15.63 -2.52 -10.46
C GLN A 766 -14.43 -3.18 -11.10
N GLU A 767 -14.29 -4.50 -10.95
CA GLU A 767 -13.19 -5.20 -11.62
C GLU A 767 -13.38 -5.20 -13.13
N TRP A 768 -14.63 -5.32 -13.60
CA TRP A 768 -14.92 -5.17 -15.03
C TRP A 768 -14.53 -3.79 -15.52
N LEU A 769 -14.87 -2.75 -14.75
CA LEU A 769 -14.49 -1.40 -15.15
C LEU A 769 -12.98 -1.27 -15.29
N LYS A 770 -12.22 -1.81 -14.34
CA LYS A 770 -10.76 -1.76 -14.43
C LYS A 770 -10.26 -2.49 -15.68
N THR A 771 -10.88 -3.62 -16.00
CA THR A 771 -10.47 -4.40 -17.18
C THR A 771 -10.69 -3.60 -18.46
N VAL A 772 -11.86 -2.95 -18.57
CA VAL A 772 -12.11 -2.09 -19.71
C VAL A 772 -11.11 -0.94 -19.75
N SER A 773 -10.93 -0.28 -18.60
CA SER A 773 -10.05 0.89 -18.51
C SER A 773 -8.64 0.60 -18.98
N ARG A 774 -8.12 -0.59 -18.68
CA ARG A 774 -6.75 -0.90 -19.07
CA ARG A 774 -6.76 -1.03 -19.01
C ARG A 774 -6.67 -1.68 -20.37
N SER A 775 -7.79 -1.85 -21.09
CA SER A 775 -7.76 -2.54 -22.36
C SER A 775 -6.89 -1.81 -23.39
N ASP A 776 -6.10 -2.57 -24.16
CA ASP A 776 -5.20 -1.97 -25.15
C ASP A 776 -5.95 -1.72 -26.44
N ARG A 777 -6.75 -0.66 -26.43
CA ARG A 777 -7.67 -0.32 -27.51
C ARG A 777 -7.28 1.02 -28.12
N LYS A 778 -7.29 1.08 -29.46
CA LYS A 778 -7.07 2.36 -30.13
C LYS A 778 -8.21 3.33 -29.87
N ASP A 779 -9.42 2.80 -29.64
CA ASP A 779 -10.60 3.62 -29.37
C ASP A 779 -10.86 3.81 -27.87
N ILE A 780 -9.80 3.77 -27.05
CA ILE A 780 -10.00 3.79 -25.59
C ILE A 780 -10.70 5.06 -25.12
N TYR A 781 -10.43 6.22 -25.75
CA TYR A 781 -11.09 7.45 -25.33
C TYR A 781 -12.61 7.37 -25.54
N GLU A 782 -13.03 6.82 -26.69
CA GLU A 782 -14.45 6.64 -26.93
C GLU A 782 -15.04 5.63 -25.94
N ILE A 783 -14.28 4.57 -25.63
CA ILE A 783 -14.72 3.58 -24.66
C ILE A 783 -14.90 4.22 -23.28
N LEU A 784 -13.96 5.07 -22.87
CA LEU A 784 -14.09 5.73 -21.57
C LEU A 784 -15.32 6.61 -21.53
N LYS A 785 -15.61 7.33 -22.63
CA LYS A 785 -16.83 8.13 -22.68
C LYS A 785 -18.07 7.25 -22.52
N LYS A 786 -18.05 6.06 -23.11
CA LYS A 786 -19.15 5.12 -22.96
C LYS A 786 -19.31 4.65 -21.52
N LEU A 787 -18.19 4.33 -20.85
CA LEU A 787 -18.28 3.97 -19.44
C LEU A 787 -18.87 5.11 -18.62
N GLU A 788 -18.47 6.34 -18.90
CA GLU A 788 -18.97 7.49 -18.16
C GLU A 788 -20.49 7.61 -18.33
N ASN A 789 -20.96 7.52 -19.57
CA ASN A 789 -22.38 7.74 -19.82
C ASN A 789 -23.24 6.56 -19.41
N GLU A 790 -22.72 5.33 -19.48
CA GLU A 790 -23.56 4.15 -19.31
C GLU A 790 -23.41 3.48 -17.95
N VAL A 791 -22.25 3.59 -17.30
CA VAL A 791 -22.00 2.84 -16.08
C VAL A 791 -21.62 3.73 -14.89
N LEU A 792 -20.59 4.57 -15.08
CA LEU A 792 -20.10 5.37 -13.95
C LEU A 792 -21.07 6.48 -13.59
N LYS A 793 -21.45 7.29 -14.57
CA LYS A 793 -22.39 8.42 -14.37
C LYS A 793 -21.83 9.35 -13.28
N ASP A 794 -22.66 9.84 -12.37
CA ASP A 794 -22.20 10.77 -11.34
C ASP A 794 -21.95 10.08 -10.01
N SER A 795 -21.59 8.79 -10.03
CA SER A 795 -21.26 8.09 -8.80
C SER A 795 -20.19 8.84 -8.03
N LYS A 796 -20.37 8.92 -6.71
CA LYS A 796 -19.35 9.45 -5.82
C LYS A 796 -18.59 8.35 -5.09
N ASN A 797 -18.80 7.11 -5.48
CA ASN A 797 -18.10 5.99 -4.85
C ASN A 797 -16.64 5.99 -5.32
N PRO A 798 -15.67 6.15 -4.42
CA PRO A 798 -14.26 6.16 -4.87
C PRO A 798 -13.86 4.92 -5.63
N ASN A 799 -14.40 3.75 -5.27
CA ASN A 799 -14.04 2.54 -5.99
C ASN A 799 -14.46 2.61 -7.46
N ASP A 800 -15.60 3.26 -7.73
CA ASP A 800 -16.08 3.39 -9.10
C ASP A 800 -15.18 4.33 -9.90
N ILE A 801 -14.87 5.49 -9.33
CA ILE A 801 -14.08 6.50 -10.01
C ILE A 801 -12.66 5.98 -10.26
N ARG A 802 -12.04 5.42 -9.22
CA ARG A 802 -10.69 4.88 -9.38
C ARG A 802 -10.64 3.75 -10.40
N ALA A 803 -11.68 2.91 -10.44
CA ALA A 803 -11.69 1.80 -11.39
C ALA A 803 -11.78 2.28 -12.83
N VAL A 804 -12.55 3.34 -13.08
CA VAL A 804 -12.72 3.82 -14.46
C VAL A 804 -11.44 4.46 -14.97
N TYR A 805 -10.73 5.21 -14.12
CA TYR A 805 -9.68 6.11 -14.59
C TYR A 805 -8.26 5.66 -14.33
N LEU A 806 -7.94 5.08 -13.17
CA LEU A 806 -6.55 4.78 -12.87
C LEU A 806 -5.91 3.77 -13.81
N PRO A 807 -6.54 2.64 -14.18
CA PRO A 807 -5.86 1.71 -15.09
C PRO A 807 -5.51 2.35 -16.42
N PHE A 808 -6.43 3.13 -16.98
CA PHE A 808 -6.17 3.85 -18.21
C PHE A 808 -4.94 4.74 -18.11
N THR A 809 -4.69 5.34 -16.94
CA THR A 809 -3.53 6.21 -16.82
C THR A 809 -2.21 5.46 -16.97
N ASN A 810 -2.23 4.13 -16.90
CA ASN A 810 -1.04 3.34 -17.13
C ASN A 810 -0.91 2.89 -18.59
N ASN A 811 -1.82 3.33 -19.46
CA ASN A 811 -1.71 3.05 -20.89
C ASN A 811 -0.65 3.99 -21.45
N LEU A 812 0.55 3.45 -21.65
CA LEU A 812 1.70 4.28 -22.00
C LEU A 812 1.47 5.03 -23.29
N ARG A 813 0.91 4.36 -24.30
CA ARG A 813 0.77 5.00 -25.59
C ARG A 813 -0.39 5.98 -25.64
N ARG A 814 -1.50 5.69 -24.96
CA ARG A 814 -2.73 6.47 -25.11
CA ARG A 814 -2.73 6.46 -25.10
C ARG A 814 -2.91 7.53 -24.04
N PHE A 815 -2.60 7.23 -22.77
CA PHE A 815 -2.74 8.25 -21.73
C PHE A 815 -1.82 9.42 -22.04
N HIS A 816 -0.63 9.11 -22.55
CA HIS A 816 0.39 10.10 -22.87
C HIS A 816 0.31 10.59 -24.31
N ASP A 817 -0.87 10.49 -24.92
CA ASP A 817 -1.08 11.04 -26.27
C ASP A 817 -0.54 12.47 -26.33
N ILE A 818 0.26 12.74 -27.36
CA ILE A 818 0.99 14.01 -27.48
C ILE A 818 0.07 15.22 -27.56
N SER A 819 -1.21 15.03 -27.87
CA SER A 819 -2.15 16.15 -27.83
C SER A 819 -2.39 16.65 -26.42
N GLY A 820 -2.05 15.85 -25.41
CA GLY A 820 -2.37 16.17 -24.03
C GLY A 820 -3.78 15.82 -23.62
N LYS A 821 -4.55 15.16 -24.48
CA LYS A 821 -5.96 14.94 -24.16
C LYS A 821 -6.16 13.99 -22.98
N GLY A 822 -5.22 13.07 -22.72
CA GLY A 822 -5.33 12.24 -21.53
C GLY A 822 -5.08 13.01 -20.25
N TYR A 823 -4.09 13.92 -20.28
CA TYR A 823 -3.84 14.77 -19.13
C TYR A 823 -5.04 15.67 -18.84
N LYS A 824 -5.66 16.20 -19.91
CA LYS A 824 -6.85 17.04 -19.76
C LYS A 824 -8.00 16.25 -19.16
N LEU A 825 -8.20 15.01 -19.62
CA LEU A 825 -9.28 14.19 -19.11
C LEU A 825 -9.11 13.93 -17.61
N ILE A 826 -7.92 13.48 -17.19
CA ILE A 826 -7.73 13.16 -15.78
CA ILE A 826 -7.73 13.15 -15.77
C ILE A 826 -7.81 14.41 -14.91
N ALA A 827 -7.28 15.53 -15.39
CA ALA A 827 -7.40 16.78 -14.63
C ALA A 827 -8.86 17.18 -14.44
N GLU A 828 -9.70 16.98 -15.46
CA GLU A 828 -11.12 17.28 -15.30
C GLU A 828 -11.75 16.38 -14.24
N VAL A 829 -11.39 15.10 -14.22
CA VAL A 829 -11.88 14.18 -13.20
C VAL A 829 -11.40 14.60 -11.81
N ILE A 830 -10.13 14.99 -11.69
CA ILE A 830 -9.59 15.41 -10.40
C ILE A 830 -10.36 16.61 -9.86
N THR A 831 -10.57 17.62 -10.71
CA THR A 831 -11.26 18.83 -10.27
C THR A 831 -12.70 18.53 -9.90
N LYS A 832 -13.37 17.68 -10.68
CA LYS A 832 -14.73 17.28 -10.36
C LYS A 832 -14.79 16.54 -9.02
N THR A 833 -13.86 15.60 -8.81
CA THR A 833 -13.86 14.82 -7.58
C THR A 833 -13.51 15.68 -6.37
N ASP A 834 -12.65 16.68 -6.57
CA ASP A 834 -12.20 17.53 -5.46
C ASP A 834 -13.36 18.30 -4.83
N LYS A 835 -14.46 18.49 -5.56
CA LYS A 835 -15.62 19.18 -4.98
C LYS A 835 -16.20 18.41 -3.81
N PHE A 836 -16.08 17.09 -3.81
CA PHE A 836 -16.72 16.29 -2.78
C PHE A 836 -15.79 15.36 -2.00
N ASN A 837 -14.61 15.05 -2.53
CA ASN A 837 -13.69 14.15 -1.85
C ASN A 837 -12.26 14.54 -2.17
N PRO A 838 -11.70 15.50 -1.44
CA PRO A 838 -10.33 15.94 -1.72
C PRO A 838 -9.28 14.85 -1.59
N MET A 839 -9.45 13.92 -0.65
CA MET A 839 -8.46 12.87 -0.50
C MET A 839 -8.39 12.01 -1.76
N VAL A 840 -9.56 11.62 -2.29
CA VAL A 840 -9.57 10.81 -3.50
C VAL A 840 -9.10 11.63 -4.71
N ALA A 841 -9.46 12.92 -4.76
CA ALA A 841 -8.93 13.79 -5.82
C ALA A 841 -7.41 13.76 -5.86
N THR A 842 -6.77 13.77 -4.69
CA THR A 842 -5.32 13.74 -4.66
CA THR A 842 -5.31 13.74 -4.68
C THR A 842 -4.78 12.37 -5.11
N GLN A 843 -5.49 11.29 -4.77
CA GLN A 843 -5.10 9.98 -5.28
C GLN A 843 -5.13 9.96 -6.80
N LEU A 844 -6.12 10.63 -7.40
CA LEU A 844 -6.25 10.64 -8.85
C LEU A 844 -5.16 11.47 -9.52
N CYS A 845 -4.38 12.25 -8.76
CA CYS A 845 -3.23 12.95 -9.31
C CYS A 845 -2.04 12.05 -9.58
N GLU A 846 -2.12 10.77 -9.18
CA GLU A 846 -0.97 9.86 -9.29
C GLU A 846 -0.21 9.94 -10.61
N PRO A 847 -0.84 9.91 -11.79
CA PRO A 847 -0.04 9.92 -13.04
C PRO A 847 0.81 11.16 -13.20
N PHE A 848 0.45 12.28 -12.57
CA PHE A 848 1.24 13.50 -12.69
C PHE A 848 2.53 13.45 -11.87
N LYS A 849 2.70 12.44 -11.02
CA LYS A 849 3.87 12.44 -10.13
C LYS A 849 5.19 12.40 -10.90
N LEU A 850 5.19 11.84 -12.11
CA LEU A 850 6.41 11.73 -12.92
C LEU A 850 6.55 12.86 -13.95
N TRP A 851 5.78 13.95 -13.82
CA TRP A 851 5.68 14.93 -14.89
C TRP A 851 7.05 15.46 -15.33
N ASN A 852 7.94 15.71 -14.37
CA ASN A 852 9.21 16.34 -14.71
C ASN A 852 10.23 15.33 -15.22
N LYS A 853 9.85 14.06 -15.36
CA LYS A 853 10.72 13.04 -15.90
CA LYS A 853 10.73 13.05 -15.91
CA LYS A 853 10.71 13.02 -15.90
C LYS A 853 10.47 12.76 -17.38
N LEU A 854 9.44 13.35 -17.97
CA LEU A 854 9.06 13.08 -19.35
C LEU A 854 9.79 14.01 -20.31
N ASP A 855 9.59 13.77 -21.60
CA ASP A 855 10.13 14.65 -22.61
C ASP A 855 9.56 16.05 -22.45
N THR A 856 10.26 17.05 -22.99
CA THR A 856 9.92 18.43 -22.67
C THR A 856 8.51 18.81 -23.10
N LYS A 857 8.01 18.26 -24.22
CA LYS A 857 6.66 18.58 -24.63
C LYS A 857 5.62 18.04 -23.64
N ARG A 858 5.79 16.79 -23.20
CA ARG A 858 4.84 16.23 -22.25
C ARG A 858 4.96 16.89 -20.89
N GLN A 859 6.18 17.30 -20.50
CA GLN A 859 6.33 18.08 -19.27
C GLN A 859 5.45 19.32 -19.32
N GLU A 860 5.52 20.05 -20.44
CA GLU A 860 4.75 21.27 -20.60
C GLU A 860 3.25 20.99 -20.55
N LEU A 861 2.81 19.92 -21.22
CA LEU A 861 1.39 19.61 -21.24
C LEU A 861 0.87 19.26 -19.85
N MET A 862 1.63 18.44 -19.10
CA MET A 862 1.21 18.08 -17.76
C MET A 862 1.22 19.30 -16.84
N LEU A 863 2.27 20.12 -16.93
CA LEU A 863 2.34 21.30 -16.07
C LEU A 863 1.19 22.24 -16.34
N ASN A 864 0.80 22.39 -17.60
CA ASN A 864 -0.34 23.24 -17.91
CA ASN A 864 -0.34 23.24 -17.92
C ASN A 864 -1.61 22.76 -17.23
N GLU A 865 -1.85 21.45 -17.24
CA GLU A 865 -3.04 20.92 -16.56
C GLU A 865 -2.96 21.11 -15.06
N MET A 866 -1.77 20.90 -14.47
CA MET A 866 -1.64 21.11 -13.03
C MET A 866 -1.85 22.57 -12.66
N ASN A 867 -1.34 23.48 -13.48
CA ASN A 867 -1.57 24.90 -13.21
C ASN A 867 -3.04 25.26 -13.37
N THR A 868 -3.71 24.64 -14.35
CA THR A 868 -5.15 24.85 -14.48
C THR A 868 -5.89 24.38 -13.24
N MET A 869 -5.57 23.19 -12.73
CA MET A 869 -6.20 22.72 -11.51
C MET A 869 -5.91 23.65 -10.34
N LEU A 870 -4.68 24.16 -10.24
CA LEU A 870 -4.30 25.04 -9.15
C LEU A 870 -5.05 26.36 -9.20
N GLN A 871 -5.54 26.75 -10.38
CA GLN A 871 -6.24 28.01 -10.53
CA GLN A 871 -6.25 28.00 -10.59
C GLN A 871 -7.72 27.92 -10.22
N GLU A 872 -8.24 26.72 -9.97
CA GLU A 872 -9.66 26.58 -9.65
C GLU A 872 -9.98 27.30 -8.35
N PRO A 873 -10.90 28.27 -8.35
CA PRO A 873 -11.16 29.04 -7.14
C PRO A 873 -11.58 28.20 -5.94
N GLN A 874 -12.25 27.07 -6.17
CA GLN A 874 -12.78 26.24 -5.10
C GLN A 874 -11.87 25.07 -4.73
N ILE A 875 -10.59 25.12 -5.12
CA ILE A 875 -9.68 24.02 -4.85
C ILE A 875 -9.59 23.73 -3.36
N SER A 876 -9.55 22.45 -3.00
CA SER A 876 -9.43 22.04 -1.61
C SER A 876 -8.02 22.29 -1.07
N ASN A 877 -7.90 22.34 0.25
CA ASN A 877 -6.59 22.45 0.88
C ASN A 877 -5.70 21.27 0.48
N ASN A 878 -6.26 20.05 0.49
CA ASN A 878 -5.50 18.85 0.14
C ASN A 878 -4.89 18.98 -1.24
N LEU A 879 -5.73 19.29 -2.23
CA LEU A 879 -5.27 19.25 -3.60
C LEU A 879 -4.31 20.41 -3.89
N LYS A 880 -4.59 21.58 -3.33
CA LYS A 880 -3.71 22.72 -3.53
C LYS A 880 -2.32 22.44 -2.96
N GLU A 881 -2.25 21.95 -1.72
CA GLU A 881 -0.97 21.67 -1.11
C GLU A 881 -0.19 20.65 -1.91
N TYR A 882 -0.88 19.60 -2.36
CA TYR A 882 -0.23 18.54 -3.12
C TYR A 882 0.33 19.07 -4.43
N LEU A 883 -0.48 19.83 -5.18
CA LEU A 883 -0.03 20.31 -6.48
C LEU A 883 1.04 21.38 -6.36
N LEU A 884 0.97 22.20 -5.31
CA LEU A 884 2.05 23.16 -5.07
C LEU A 884 3.37 22.47 -4.83
N ARG A 885 3.37 21.41 -4.01
CA ARG A 885 4.61 20.66 -3.78
C ARG A 885 5.06 19.97 -5.06
N LEU A 886 4.12 19.37 -5.79
CA LEU A 886 4.50 18.57 -6.96
C LEU A 886 5.09 19.44 -8.07
N THR A 887 4.62 20.68 -8.21
CA THR A 887 5.08 21.57 -9.25
C THR A 887 6.20 22.50 -8.77
N ASN A 888 6.74 22.26 -7.59
CA ASN A 888 7.90 23.01 -7.08
C ASN A 888 7.58 24.50 -6.95
N LYS A 889 6.41 24.80 -6.41
CA LYS A 889 6.05 26.18 -6.11
C LYS A 889 6.33 26.48 -4.64
ZN ZN B . -2.17 0.60 8.83
N J1G C . -3.96 1.77 4.73
CA J1G C . -4.77 2.23 5.88
C J1G C . -4.10 1.63 7.11
O J1G C . -2.94 1.87 7.39
CAG J1G C . -5.09 5.94 5.29
CAH J1G C . -6.64 5.23 6.98
CAI J1G C . -4.60 4.62 5.16
CAJ J1G C . -6.15 3.93 6.85
CAK J1G C . -7.99 7.67 5.90
CAL J1G C . -5.91 8.70 6.56
CAM J1G C . -3.22 -1.87 3.74
CAN J1G C . -2.20 -0.87 4.28
CAO J1G C . -3.82 -1.14 2.51
CAP J1G C . -2.11 0.22 3.22
CAT J1G C . -4.49 0.94 3.80
CAU J1G C . -8.61 8.91 5.88
CAV J1G C . -6.57 9.94 6.55
CAW J1G C . -6.09 6.26 6.21
CAX J1G C . -6.62 7.56 6.27
CAY J1G C . -5.13 3.61 5.96
CAZ J1G C . -7.90 10.04 6.21
CBA J1G C . -3.53 0.36 2.73
FAD J1G C . -9.95 9.07 5.54
FAE J1G C . -5.94 11.04 6.85
FAF J1G C . -8.55 11.27 6.19
NAQ J1G C . -4.87 0.77 7.79
OAB J1G C . -5.68 0.70 3.70
OAC J1G C . -4.30 0.22 8.92
S DMS D . -1.17 10.09 -1.35
O DMS D . -0.06 9.23 -1.87
C1 DMS D . -0.50 11.73 -0.95
C2 DMS D . -2.28 10.57 -2.69
S DMS E . 19.37 5.82 -12.15
O DMS E . 20.72 5.32 -11.73
C1 DMS E . 18.19 5.52 -10.83
C2 DMS E . 19.37 7.64 -12.17
C1 GOL F . -7.48 -21.14 -5.86
O1 GOL F . -7.52 -20.55 -4.57
C2 GOL F . -8.90 -21.55 -6.24
O2 GOL F . -8.93 -21.79 -7.62
C3 GOL F . -9.30 -22.84 -5.51
O3 GOL F . -10.63 -23.18 -5.86
C1 GOL G . -8.35 0.29 -1.50
O1 GOL G . -8.68 -1.08 -1.49
C2 GOL G . -8.44 0.84 -2.92
O2 GOL G . -9.76 0.74 -3.39
C3 GOL G . -8.03 2.31 -2.88
O3 GOL G . -6.65 2.41 -2.64
C1 GOL H . -12.81 17.81 3.47
O1 GOL H . -13.77 18.00 2.46
C2 GOL H . -11.82 16.69 3.13
O2 GOL H . -10.48 17.19 3.23
C3 GOL H . -12.04 15.40 3.94
O3 GOL H . -11.84 15.60 5.33
MG MG I . -21.50 20.47 9.35
MG MG J . -22.72 1.52 -5.91
MG MG K . -2.12 -21.93 17.28
MG MG L . 10.12 21.52 -4.44
#